data_3RR1
#
_entry.id   3RR1
#
_cell.length_a   118.011
_cell.length_b   118.011
_cell.length_c   114.570
_cell.angle_alpha   90.00
_cell.angle_beta   90.00
_cell.angle_gamma   90.00
#
_symmetry.space_group_name_H-M   'I 4'
#
loop_
_entity.id
_entity.type
_entity.pdbx_description
1 polymer 'Putative D-galactonate dehydratase'
2 non-polymer 'CHLORIDE ION'
3 non-polymer D-MALATE
4 water water
#
_entity_poly.entity_id   1
_entity_poly.type   'polypeptide(L)'
_entity_poly.pdbx_seq_one_letter_code
;MVKITRLTTYRLPPRWMFLKVETDEGVTGWGEPVIEGRARTVEAAVHELSDYLIGQDPSRINDLWQTMYRAGFYRGGPIL
MSAIAGIDQALWDIKGKVLGVPVYELLGGLVRDKMRTYSWVGGDRPADVIAGMKALQAGGFDHFKLNGCEEMGIIDTSRA
VDAAVARVAEIRSAFGNTVEFGLDFHGRVSAPMAKVLIKELEPYRPLFIEEPVLAEQAETYARLAAHTHLPIAAGERMFS
RFDFKRVLEAGGVSILQPDLSHAGGITECVKIAAMAEAYDVALAPHCPLGPIALAACLHVDFVSWNATLQEQSMGIHYNK
GAELLDYVRNKADFALEGGYIRPPRLPGLGVDIDEALVIERSKEAPDWRNPVWRHADGSVAEWAENLYFQSHHHHHHWSH
PQFEK
;
_entity_poly.pdbx_strand_id   A,B
#
# COMPACT_ATOMS: atom_id res chain seq x y z
N MET A 1 7.26 11.40 -33.68
CA MET A 1 7.06 11.02 -32.25
C MET A 1 6.76 9.52 -32.08
N VAL A 2 7.61 8.84 -31.29
CA VAL A 2 7.34 7.46 -30.85
C VAL A 2 6.11 7.45 -29.91
N LYS A 3 5.24 6.45 -30.05
CA LYS A 3 4.09 6.30 -29.14
C LYS A 3 3.95 4.85 -28.66
N ILE A 4 3.63 4.67 -27.38
CA ILE A 4 3.32 3.35 -26.82
C ILE A 4 2.00 2.87 -27.41
N THR A 5 1.98 1.62 -27.88
CA THR A 5 0.80 1.07 -28.57
C THR A 5 0.02 0.03 -27.78
N ARG A 6 0.74 -0.78 -27.00
CA ARG A 6 0.15 -1.94 -26.33
C ARG A 6 1.01 -2.41 -25.15
N LEU A 7 0.37 -2.85 -24.08
CA LEU A 7 1.07 -3.57 -23.02
C LEU A 7 0.52 -4.97 -22.92
N THR A 8 1.39 -5.95 -22.72
CA THR A 8 0.95 -7.33 -22.59
C THR A 8 1.64 -7.92 -21.37
N THR A 9 0.86 -8.60 -20.53
CA THR A 9 1.43 -9.34 -19.39
C THR A 9 1.52 -10.84 -19.69
N TYR A 10 2.50 -11.49 -19.07
CA TYR A 10 2.69 -12.94 -19.23
C TYR A 10 3.00 -13.56 -17.88
N ARG A 11 2.10 -14.41 -17.39
CA ARG A 11 2.38 -15.18 -16.18
CA ARG A 11 2.38 -15.18 -16.18
C ARG A 11 3.24 -16.39 -16.56
N LEU A 12 4.34 -16.57 -15.83
CA LEU A 12 5.31 -17.63 -16.17
C LEU A 12 5.53 -18.68 -15.08
N PRO A 13 5.69 -19.97 -15.48
CA PRO A 13 5.66 -21.22 -14.69
C PRO A 13 6.32 -21.32 -13.31
N PRO A 14 7.39 -20.55 -13.03
CA PRO A 14 7.68 -20.51 -11.59
C PRO A 14 6.67 -19.61 -10.85
N ARG A 15 7.09 -18.38 -10.56
CA ARG A 15 6.22 -17.42 -9.89
C ARG A 15 6.57 -16.04 -10.43
N TRP A 16 6.76 -15.96 -11.75
CA TRP A 16 7.15 -14.71 -12.41
C TRP A 16 6.08 -14.15 -13.33
N MET A 17 6.18 -12.86 -13.60
CA MET A 17 5.37 -12.21 -14.61
C MET A 17 6.25 -11.26 -15.39
N PHE A 18 6.13 -11.32 -16.71
CA PHE A 18 6.88 -10.42 -17.54
C PHE A 18 5.83 -9.49 -18.12
N LEU A 19 6.23 -8.28 -18.44
CA LEU A 19 5.38 -7.42 -19.22
C LEU A 19 6.13 -6.93 -20.44
N LYS A 20 5.40 -6.69 -21.51
CA LYS A 20 5.97 -6.23 -22.76
C LYS A 20 5.29 -4.94 -23.21
N VAL A 21 6.08 -3.89 -23.41
CA VAL A 21 5.56 -2.59 -23.87
C VAL A 21 5.95 -2.39 -25.32
N GLU A 22 4.96 -2.26 -26.20
CA GLU A 22 5.24 -2.09 -27.61
C GLU A 22 5.00 -0.65 -28.00
N THR A 23 5.77 -0.19 -28.97
CA THR A 23 5.62 1.17 -29.52
C THR A 23 5.34 1.12 -31.03
N ASP A 24 4.95 2.24 -31.62
CA ASP A 24 4.61 2.26 -33.05
C ASP A 24 5.83 2.28 -33.96
N GLU A 25 7.00 2.33 -33.36
CA GLU A 25 8.27 2.34 -34.06
C GLU A 25 8.84 0.92 -34.09
N GLY A 26 8.18 0.00 -33.38
CA GLY A 26 8.65 -1.39 -33.32
C GLY A 26 9.72 -1.64 -32.28
N VAL A 27 10.00 -0.64 -31.45
CA VAL A 27 10.93 -0.78 -30.34
C VAL A 27 10.13 -1.28 -29.14
N THR A 28 10.57 -2.39 -28.57
CA THR A 28 9.84 -3.12 -27.55
C THR A 28 10.62 -3.18 -26.24
N GLY A 29 9.95 -2.85 -25.14
CA GLY A 29 10.58 -2.89 -23.82
C GLY A 29 10.02 -3.98 -22.94
N TRP A 30 10.88 -4.54 -22.11
CA TRP A 30 10.48 -5.60 -21.18
C TRP A 30 10.61 -5.18 -19.72
N GLY A 31 9.66 -5.64 -18.90
CA GLY A 31 9.62 -5.32 -17.47
C GLY A 31 9.22 -6.54 -16.65
N GLU A 32 9.56 -6.53 -15.37
CA GLU A 32 9.31 -7.67 -14.51
C GLU A 32 8.84 -7.19 -13.13
N PRO A 33 7.53 -7.16 -12.92
CA PRO A 33 7.01 -6.84 -11.61
C PRO A 33 7.07 -8.05 -10.68
N VAL A 34 7.07 -7.79 -9.38
CA VAL A 34 6.96 -8.82 -8.34
CA VAL A 34 6.97 -8.88 -8.43
C VAL A 34 5.50 -9.26 -8.29
N ILE A 35 5.20 -10.52 -8.48
CA ILE A 35 3.84 -10.94 -8.25
C ILE A 35 3.65 -11.73 -6.98
N GLU A 36 4.71 -12.41 -6.58
CA GLU A 36 4.68 -13.45 -5.61
C GLU A 36 3.51 -13.34 -4.68
N GLY A 37 2.52 -14.15 -4.96
CA GLY A 37 1.34 -14.24 -4.14
C GLY A 37 0.12 -13.43 -4.48
N ARG A 38 0.24 -12.42 -5.32
CA ARG A 38 -0.93 -11.64 -5.68
C ARG A 38 -0.89 -11.32 -7.11
N ALA A 39 -0.77 -12.35 -7.90
CA ALA A 39 -0.50 -12.19 -9.32
C ALA A 39 -1.63 -11.55 -10.12
N ARG A 40 -2.87 -11.94 -9.85
CA ARG A 40 -4.02 -11.38 -10.54
C ARG A 40 -4.20 -9.88 -10.20
N THR A 41 -3.91 -9.52 -8.97
CA THR A 41 -4.06 -8.14 -8.49
C THR A 41 -3.00 -7.24 -9.18
N VAL A 42 -1.75 -7.70 -9.18
CA VAL A 42 -0.67 -6.96 -9.84
C VAL A 42 -0.94 -6.82 -11.35
N GLU A 43 -1.38 -7.92 -11.99
CA GLU A 43 -1.69 -7.89 -13.43
C GLU A 43 -2.78 -6.86 -13.74
N ALA A 44 -3.84 -6.85 -12.93
CA ALA A 44 -4.92 -5.89 -13.07
C ALA A 44 -4.39 -4.46 -12.96
N ALA A 45 -3.51 -4.25 -11.96
CA ALA A 45 -2.90 -2.96 -11.73
C ALA A 45 -2.12 -2.47 -12.94
N VAL A 46 -1.28 -3.35 -13.49
CA VAL A 46 -0.49 -3.09 -14.71
C VAL A 46 -1.42 -2.64 -15.83
N HIS A 47 -2.49 -3.39 -16.05
CA HIS A 47 -3.44 -3.02 -17.11
C HIS A 47 -4.22 -1.75 -16.82
N GLU A 48 -4.50 -1.45 -15.55
CA GLU A 48 -5.17 -0.19 -15.24
C GLU A 48 -4.22 0.98 -15.47
N LEU A 49 -2.96 0.79 -15.10
CA LEU A 49 -1.97 1.85 -15.29
C LEU A 49 -1.70 2.07 -16.77
N SER A 50 -1.84 1.00 -17.58
CA SER A 50 -1.74 1.07 -19.05
C SER A 50 -2.51 2.21 -19.69
N ASP A 51 -3.63 2.61 -19.06
CA ASP A 51 -4.41 3.78 -19.48
C ASP A 51 -3.62 5.08 -19.56
N TYR A 52 -2.55 5.21 -18.76
CA TYR A 52 -1.72 6.42 -18.78
C TYR A 52 -0.60 6.34 -19.81
N LEU A 53 -0.45 5.16 -20.41
CA LEU A 53 0.68 4.88 -21.27
C LEU A 53 0.27 4.90 -22.74
N ILE A 54 -0.81 4.22 -23.07
CA ILE A 54 -1.24 4.06 -24.46
C ILE A 54 -1.40 5.43 -25.13
N GLY A 55 -0.72 5.60 -26.25
CA GLY A 55 -0.74 6.84 -27.01
C GLY A 55 0.30 7.87 -26.58
N GLN A 56 1.08 7.55 -25.54
CA GLN A 56 2.01 8.52 -24.98
C GLN A 56 3.46 8.28 -25.44
N ASP A 57 4.28 9.33 -25.41
CA ASP A 57 5.69 9.20 -25.76
C ASP A 57 6.44 8.55 -24.59
N PRO A 58 7.01 7.34 -24.81
CA PRO A 58 7.70 6.66 -23.72
C PRO A 58 9.04 7.31 -23.36
N SER A 59 9.53 8.26 -24.17
CA SER A 59 10.75 9.01 -23.77
C SER A 59 10.58 9.78 -22.45
N ARG A 60 9.34 10.14 -22.10
CA ARG A 60 9.07 10.96 -20.94
C ARG A 60 8.87 10.05 -19.73
N ILE A 61 9.91 9.31 -19.35
CA ILE A 61 9.78 8.34 -18.26
C ILE A 61 9.40 9.01 -16.94
N ASN A 62 10.03 10.13 -16.67
CA ASN A 62 9.72 10.91 -15.45
C ASN A 62 8.27 11.34 -15.34
N ASP A 63 7.72 11.89 -16.42
CA ASP A 63 6.29 12.24 -16.50
C ASP A 63 5.38 11.04 -16.27
N LEU A 64 5.63 9.96 -17.00
CA LEU A 64 4.85 8.74 -16.86
C LEU A 64 4.97 8.10 -15.47
N TRP A 65 6.16 8.17 -14.87
CA TRP A 65 6.38 7.64 -13.54
C TRP A 65 5.50 8.43 -12.56
N GLN A 66 5.57 9.76 -12.66
CA GLN A 66 4.85 10.64 -11.75
C GLN A 66 3.36 10.52 -11.92
N THR A 67 2.92 10.42 -13.18
CA THR A 67 1.52 10.18 -13.53
C THR A 67 0.96 8.89 -12.93
N MET A 68 1.67 7.78 -13.11
CA MET A 68 1.25 6.52 -12.53
C MET A 68 1.22 6.56 -11.00
N TYR A 69 2.25 7.17 -10.40
CA TYR A 69 2.40 7.27 -8.94
C TYR A 69 1.35 8.15 -8.26
N ARG A 70 1.10 9.34 -8.79
CA ARG A 70 0.32 10.27 -8.00
C ARG A 70 -0.98 10.79 -8.62
N ALA A 71 -1.23 10.51 -9.89
CA ALA A 71 -2.20 11.33 -10.61
C ALA A 71 -3.63 10.86 -10.52
N GLY A 72 -3.84 9.56 -10.34
CA GLY A 72 -5.20 9.03 -10.42
C GLY A 72 -5.73 8.24 -9.24
N PHE A 73 -4.98 8.26 -8.13
CA PHE A 73 -5.27 7.45 -6.95
C PHE A 73 -4.35 7.88 -5.80
N TYR A 74 -4.57 7.25 -4.64
CA TYR A 74 -3.67 7.31 -3.50
C TYR A 74 -2.31 6.73 -3.88
N ARG A 75 -1.27 7.17 -3.17
CA ARG A 75 0.09 6.75 -3.44
C ARG A 75 0.25 5.27 -3.10
N GLY A 76 0.98 4.57 -3.97
CA GLY A 76 0.98 3.12 -3.97
C GLY A 76 1.69 2.48 -2.81
N GLY A 77 1.20 1.31 -2.43
CA GLY A 77 1.90 0.40 -1.53
C GLY A 77 2.40 -0.78 -2.37
N PRO A 78 2.31 -2.01 -1.83
CA PRO A 78 2.98 -3.15 -2.45
C PRO A 78 2.49 -3.57 -3.85
N ILE A 79 1.21 -3.35 -4.15
CA ILE A 79 0.65 -3.72 -5.44
C ILE A 79 1.00 -2.69 -6.52
N LEU A 80 0.65 -1.43 -6.27
CA LEU A 80 0.83 -0.36 -7.24
C LEU A 80 2.30 -0.09 -7.52
N MET A 81 3.14 -0.19 -6.51
CA MET A 81 4.56 0.09 -6.71
C MET A 81 5.22 -1.03 -7.52
N SER A 82 4.74 -2.27 -7.36
CA SER A 82 5.21 -3.37 -8.21
CA SER A 82 5.21 -3.38 -8.20
C SER A 82 4.79 -3.17 -9.66
N ALA A 83 3.55 -2.74 -9.90
CA ALA A 83 3.08 -2.50 -11.28
C ALA A 83 3.89 -1.37 -11.94
N ILE A 84 4.08 -0.30 -11.17
CA ILE A 84 4.92 0.84 -11.60
C ILE A 84 6.35 0.38 -11.87
N ALA A 85 6.90 -0.44 -10.97
CA ALA A 85 8.28 -0.91 -11.17
C ALA A 85 8.44 -1.65 -12.50
N GLY A 86 7.46 -2.51 -12.83
CA GLY A 86 7.51 -3.30 -14.05
C GLY A 86 7.44 -2.42 -15.28
N ILE A 87 6.56 -1.43 -15.23
CA ILE A 87 6.38 -0.54 -16.38
C ILE A 87 7.64 0.31 -16.56
N ASP A 88 8.18 0.82 -15.46
CA ASP A 88 9.36 1.67 -15.46
C ASP A 88 10.56 0.98 -16.09
N GLN A 89 10.76 -0.29 -15.73
CA GLN A 89 11.84 -1.11 -16.31
C GLN A 89 11.71 -1.15 -17.80
N ALA A 90 10.51 -1.47 -18.29
CA ALA A 90 10.26 -1.50 -19.75
C ALA A 90 10.49 -0.17 -20.48
N LEU A 91 10.13 0.92 -19.81
CA LEU A 91 10.32 2.28 -20.37
C LEU A 91 11.80 2.59 -20.55
N TRP A 92 12.59 2.26 -19.52
CA TRP A 92 14.05 2.40 -19.57
C TRP A 92 14.62 1.47 -20.66
N ASP A 93 14.05 0.27 -20.78
CA ASP A 93 14.49 -0.69 -21.81
C ASP A 93 14.33 -0.02 -23.18
N ILE A 94 13.17 0.60 -23.39
CA ILE A 94 12.86 1.31 -24.65
C ILE A 94 13.84 2.45 -24.94
N LYS A 95 14.06 3.30 -23.95
CA LYS A 95 14.91 4.49 -24.08
C LYS A 95 16.32 4.07 -24.47
N GLY A 96 16.85 3.05 -23.79
CA GLY A 96 18.18 2.54 -24.14
C GLY A 96 18.26 2.01 -25.57
N LYS A 97 17.22 1.31 -26.01
CA LYS A 97 17.14 0.80 -27.38
C LYS A 97 17.05 1.91 -28.43
N VAL A 98 16.24 2.93 -28.14
CA VAL A 98 16.07 4.08 -29.00
C VAL A 98 17.42 4.81 -29.13
N LEU A 99 18.11 4.99 -28.01
CA LEU A 99 19.36 5.74 -28.03
C LEU A 99 20.58 4.83 -28.29
N GLY A 100 20.34 3.54 -28.48
CA GLY A 100 21.39 2.53 -28.77
C GLY A 100 22.44 2.22 -27.70
N VAL A 101 22.11 2.40 -26.43
CA VAL A 101 23.10 2.20 -25.36
C VAL A 101 22.50 1.46 -24.17
N PRO A 102 23.35 0.83 -23.33
CA PRO A 102 22.82 0.27 -22.09
C PRO A 102 22.29 1.40 -21.20
N VAL A 103 21.30 1.10 -20.37
CA VAL A 103 20.68 2.07 -19.46
C VAL A 103 21.67 2.84 -18.55
N TYR A 104 22.67 2.13 -18.01
CA TYR A 104 23.69 2.77 -17.17
C TYR A 104 24.41 3.92 -17.89
N GLU A 105 24.51 3.87 -19.22
CA GLU A 105 25.18 4.94 -19.97
CA GLU A 105 25.15 4.93 -20.01
C GLU A 105 24.30 6.19 -19.96
N LEU A 106 22.99 5.99 -19.95
CA LEU A 106 22.07 7.12 -19.85
C LEU A 106 22.19 7.77 -18.48
N LEU A 107 22.29 6.95 -17.44
CA LEU A 107 22.31 7.45 -16.05
C LEU A 107 23.68 7.91 -15.55
N GLY A 108 24.49 8.42 -16.46
CA GLY A 108 25.79 9.00 -16.11
C GLY A 108 27.00 8.07 -16.31
N GLY A 109 26.75 6.86 -16.80
CA GLY A 109 27.86 5.95 -17.09
C GLY A 109 28.39 5.18 -15.89
N LEU A 110 29.39 4.36 -16.16
CA LEU A 110 29.95 3.47 -15.14
C LEU A 110 30.67 4.18 -13.99
N VAL A 111 30.46 3.65 -12.79
CA VAL A 111 31.16 4.11 -11.58
C VAL A 111 32.09 2.97 -11.13
N ARG A 112 31.88 1.80 -11.76
CA ARG A 112 32.68 0.58 -11.54
C ARG A 112 32.69 -0.30 -12.81
N ASP A 113 33.66 -1.22 -12.85
CA ASP A 113 33.89 -2.05 -14.02
C ASP A 113 33.22 -3.42 -13.95
N LYS A 114 33.02 -3.92 -12.72
CA LYS A 114 32.36 -5.19 -12.52
C LYS A 114 31.67 -5.15 -11.16
N MET A 115 30.71 -6.04 -10.96
CA MET A 115 29.91 -6.02 -9.72
C MET A 115 29.94 -7.35 -9.00
N ARG A 116 30.35 -7.31 -7.73
CA ARG A 116 30.36 -8.47 -6.85
C ARG A 116 28.95 -8.99 -6.61
N THR A 117 28.78 -10.29 -6.81
CA THR A 117 27.51 -10.95 -6.58
C THR A 117 27.61 -11.96 -5.44
N TYR A 118 26.44 -12.39 -4.97
CA TYR A 118 26.33 -13.50 -4.04
C TYR A 118 25.12 -14.34 -4.42
N SER A 119 25.13 -15.61 -4.03
CA SER A 119 24.09 -16.56 -4.41
C SER A 119 23.43 -17.16 -3.19
N TRP A 120 22.10 -17.26 -3.24
CA TRP A 120 21.37 -18.03 -2.26
C TRP A 120 21.75 -19.51 -2.37
N VAL A 121 22.02 -20.16 -1.24
CA VAL A 121 22.28 -21.60 -1.23
C VAL A 121 21.32 -22.27 -0.26
N GLY A 122 20.62 -23.29 -0.76
CA GLY A 122 19.68 -24.06 0.05
C GLY A 122 20.21 -25.40 0.50
N GLY A 123 19.34 -26.18 1.13
CA GLY A 123 19.70 -27.49 1.63
C GLY A 123 18.97 -27.84 2.92
N ASP A 124 18.57 -29.10 3.03
CA ASP A 124 17.76 -29.56 4.15
C ASP A 124 18.61 -29.80 5.39
N ARG A 125 19.74 -30.49 5.22
CA ARG A 125 20.71 -30.70 6.28
C ARG A 125 21.71 -29.55 6.25
N PRO A 126 22.48 -29.36 7.34
CA PRO A 126 23.66 -28.50 7.21
C PRO A 126 24.73 -29.08 6.29
N ALA A 127 24.75 -30.40 6.14
CA ALA A 127 25.62 -31.08 5.19
C ALA A 127 25.28 -30.68 3.76
N ASP A 128 23.99 -30.54 3.47
CA ASP A 128 23.49 -30.17 2.14
C ASP A 128 23.85 -28.72 1.77
N VAL A 129 23.92 -27.85 2.77
CA VAL A 129 24.31 -26.45 2.56
C VAL A 129 25.80 -26.36 2.30
N ILE A 130 26.59 -27.05 3.13
CA ILE A 130 28.05 -27.08 2.97
C ILE A 130 28.41 -27.54 1.56
N ALA A 131 27.84 -28.68 1.16
CA ALA A 131 28.04 -29.24 -0.19
C ALA A 131 27.70 -28.25 -1.32
N GLY A 132 26.59 -27.53 -1.19
CA GLY A 132 26.19 -26.51 -2.18
C GLY A 132 27.18 -25.34 -2.27
N MET A 133 27.63 -24.87 -1.10
CA MET A 133 28.61 -23.81 -0.99
C MET A 133 29.97 -24.19 -1.56
N LYS A 134 30.40 -25.44 -1.33
CA LYS A 134 31.69 -25.94 -1.84
C LYS A 134 31.72 -26.03 -3.36
N ALA A 135 30.60 -26.45 -3.96
CA ALA A 135 30.48 -26.50 -5.42
C ALA A 135 30.53 -25.10 -6.05
N LEU A 136 29.96 -24.10 -5.38
CA LEU A 136 30.02 -22.72 -5.86
C LEU A 136 31.37 -22.07 -5.59
N GLN A 137 32.04 -22.54 -4.53
CA GLN A 137 33.39 -22.11 -4.19
C GLN A 137 34.41 -22.53 -5.25
N ALA A 138 34.15 -23.67 -5.89
CA ALA A 138 34.90 -24.10 -7.06
C ALA A 138 34.64 -23.18 -8.26
N GLY A 139 33.43 -22.62 -8.33
CA GLY A 139 33.07 -21.66 -9.38
C GLY A 139 33.37 -20.21 -9.02
N GLY A 140 34.33 -19.99 -8.12
CA GLY A 140 34.83 -18.65 -7.80
C GLY A 140 34.07 -17.86 -6.73
N PHE A 141 32.93 -18.37 -6.29
CA PHE A 141 32.13 -17.71 -5.24
C PHE A 141 32.75 -17.81 -3.85
N ASP A 142 32.64 -16.72 -3.10
CA ASP A 142 33.09 -16.67 -1.71
C ASP A 142 32.08 -15.89 -0.85
N HIS A 143 31.00 -15.43 -1.48
CA HIS A 143 29.91 -14.71 -0.80
C HIS A 143 28.57 -15.41 -1.04
N PHE A 144 27.84 -15.67 0.03
CA PHE A 144 26.61 -16.45 -0.03
C PHE A 144 25.48 -15.86 0.81
N LYS A 145 24.25 -16.26 0.50
CA LYS A 145 23.11 -16.02 1.39
C LYS A 145 22.45 -17.33 1.76
N LEU A 146 22.26 -17.54 3.05
CA LEU A 146 21.59 -18.73 3.53
C LEU A 146 20.31 -18.32 4.26
N ASN A 147 19.30 -19.18 4.22
CA ASN A 147 18.20 -19.04 5.15
C ASN A 147 18.76 -19.24 6.55
N GLY A 148 18.30 -18.42 7.49
CA GLY A 148 18.79 -18.54 8.84
C GLY A 148 17.98 -19.59 9.57
N CYS A 149 16.74 -19.78 9.13
CA CYS A 149 15.79 -20.66 9.78
C CYS A 149 15.83 -22.07 9.20
N GLU A 150 16.18 -23.03 10.06
CA GLU A 150 16.23 -24.45 9.70
C GLU A 150 14.81 -25.03 9.64
N GLU A 151 14.16 -25.07 10.79
CA GLU A 151 12.86 -25.72 10.97
C GLU A 151 11.72 -24.91 10.34
N MET A 152 10.65 -25.61 10.00
CA MET A 152 9.44 -24.98 9.48
C MET A 152 8.67 -24.34 10.63
N GLY A 153 8.50 -23.03 10.57
CA GLY A 153 7.86 -22.29 11.66
C GLY A 153 8.81 -21.28 12.26
N ILE A 154 8.36 -20.61 13.32
CA ILE A 154 9.12 -19.50 13.88
C ILE A 154 10.06 -19.88 15.02
N ILE A 155 11.15 -19.13 15.15
CA ILE A 155 12.08 -19.25 16.26
C ILE A 155 11.44 -18.57 17.48
N ASP A 156 11.09 -19.37 18.48
CA ASP A 156 10.16 -18.97 19.52
C ASP A 156 10.65 -19.35 20.93
N THR A 157 11.62 -20.26 20.97
CA THR A 157 12.11 -20.87 22.21
C THR A 157 13.65 -20.92 22.23
N SER A 158 14.23 -21.20 23.40
CA SER A 158 15.66 -21.46 23.56
C SER A 158 16.12 -22.66 22.72
N ARG A 159 15.29 -23.70 22.67
CA ARG A 159 15.55 -24.88 21.85
CA ARG A 159 15.55 -24.88 21.84
C ARG A 159 15.70 -24.49 20.37
N ALA A 160 14.74 -23.70 19.86
CA ALA A 160 14.74 -23.25 18.47
C ALA A 160 15.84 -22.24 18.13
N VAL A 161 16.28 -21.46 19.13
CA VAL A 161 17.45 -20.60 18.93
C VAL A 161 18.69 -21.48 18.75
N ASP A 162 18.87 -22.44 19.65
CA ASP A 162 20.04 -23.32 19.66
C ASP A 162 20.21 -24.19 18.42
N ALA A 163 19.10 -24.65 17.86
CA ALA A 163 19.10 -25.47 16.64
C ALA A 163 19.57 -24.65 15.43
N ALA A 164 19.02 -23.44 15.26
CA ALA A 164 19.45 -22.53 14.19
C ALA A 164 20.91 -22.11 14.35
N VAL A 165 21.32 -21.81 15.58
CA VAL A 165 22.70 -21.45 15.88
C VAL A 165 23.67 -22.60 15.61
N ALA A 166 23.31 -23.82 16.04
CA ALA A 166 24.11 -25.01 15.75
C ALA A 166 24.27 -25.33 14.25
N ARG A 167 23.20 -25.15 13.47
CA ARG A 167 23.26 -25.26 12.00
C ARG A 167 24.31 -24.31 11.40
N VAL A 168 24.23 -23.03 11.79
CA VAL A 168 25.21 -22.01 11.37
C VAL A 168 26.62 -22.36 11.84
N ALA A 169 26.72 -22.81 13.10
CA ALA A 169 27.99 -23.26 13.68
C ALA A 169 28.65 -24.35 12.83
N GLU A 170 27.85 -25.29 12.34
CA GLU A 170 28.36 -26.39 11.50
C GLU A 170 28.78 -25.90 10.12
N ILE A 171 28.00 -24.99 9.54
CA ILE A 171 28.33 -24.36 8.26
C ILE A 171 29.64 -23.56 8.35
N ARG A 172 29.79 -22.76 9.39
CA ARG A 172 31.02 -22.00 9.61
C ARG A 172 32.27 -22.86 9.83
N SER A 173 32.11 -23.98 10.54
CA SER A 173 33.23 -24.90 10.83
CA SER A 173 33.23 -24.89 10.84
C SER A 173 33.84 -25.48 9.56
N ALA A 174 33.01 -25.69 8.55
CA ALA A 174 33.47 -26.24 7.28
C ALA A 174 34.30 -25.28 6.43
N PHE A 175 34.30 -23.99 6.77
CA PHE A 175 35.03 -23.01 5.97
C PHE A 175 35.94 -22.07 6.75
N GLY A 176 35.66 -21.89 8.03
CA GLY A 176 36.28 -20.79 8.79
C GLY A 176 35.95 -19.48 8.11
N ASN A 177 36.89 -18.54 8.09
CA ASN A 177 36.66 -17.23 7.49
C ASN A 177 36.95 -17.13 5.97
N THR A 178 37.06 -18.26 5.28
CA THR A 178 37.34 -18.27 3.84
C THR A 178 36.14 -17.86 3.00
N VAL A 179 34.93 -18.02 3.56
CA VAL A 179 33.72 -17.58 2.88
C VAL A 179 32.95 -16.61 3.75
N GLU A 180 32.16 -15.77 3.11
CA GLU A 180 31.24 -14.89 3.78
C GLU A 180 29.84 -15.38 3.50
N PHE A 181 28.98 -15.40 4.52
CA PHE A 181 27.57 -15.64 4.29
C PHE A 181 26.67 -14.71 5.08
N GLY A 182 25.61 -14.25 4.43
CA GLY A 182 24.55 -13.51 5.11
C GLY A 182 23.48 -14.50 5.55
N LEU A 183 22.73 -14.14 6.58
CA LEU A 183 21.65 -14.98 7.08
C LEU A 183 20.32 -14.27 6.96
N ASP A 184 19.38 -14.91 6.26
CA ASP A 184 18.07 -14.38 6.00
C ASP A 184 17.03 -15.11 6.84
N PHE A 185 16.55 -14.43 7.87
N PHE A 185 16.45 -14.40 7.82
CA PHE A 185 15.34 -14.84 8.53
CA PHE A 185 15.51 -15.01 8.75
C PHE A 185 14.29 -14.08 7.75
C PHE A 185 14.02 -14.79 8.41
N HIS A 186 13.15 -14.68 7.51
N HIS A 186 13.75 -14.07 7.32
CA HIS A 186 12.14 -13.98 6.74
CA HIS A 186 12.38 -13.99 6.79
C HIS A 186 11.17 -13.30 7.67
C HIS A 186 11.30 -13.52 7.76
N GLY A 187 11.69 -12.72 8.75
CA GLY A 187 10.82 -12.25 9.83
C GLY A 187 10.34 -13.34 10.78
N ARG A 188 10.87 -14.55 10.64
CA ARG A 188 10.39 -15.73 11.37
C ARG A 188 11.06 -15.89 12.74
N VAL A 189 11.49 -14.78 13.31
CA VAL A 189 12.01 -14.76 14.68
C VAL A 189 11.04 -13.92 15.49
N SER A 190 10.59 -14.46 16.61
CA SER A 190 9.75 -13.70 17.54
C SER A 190 10.55 -12.54 18.14
N ALA A 191 9.87 -11.40 18.33
CA ALA A 191 10.50 -10.22 18.94
C ALA A 191 11.30 -10.50 20.23
N PRO A 192 10.75 -11.29 21.18
CA PRO A 192 11.53 -11.62 22.38
C PRO A 192 12.83 -12.41 22.14
N MET A 193 12.86 -13.21 21.08
CA MET A 193 14.01 -14.09 20.80
C MET A 193 15.07 -13.43 19.91
N ALA A 194 14.73 -12.31 19.28
CA ALA A 194 15.61 -11.66 18.32
C ALA A 194 17.01 -11.36 18.87
N LYS A 195 17.06 -10.74 20.05
CA LYS A 195 18.32 -10.28 20.62
C LYS A 195 19.24 -11.43 21.08
N VAL A 196 18.68 -12.47 21.70
CA VAL A 196 19.48 -13.66 22.06
C VAL A 196 19.99 -14.42 20.83
N LEU A 197 19.19 -14.46 19.77
CA LEU A 197 19.59 -15.15 18.55
C LEU A 197 20.76 -14.43 17.92
N ILE A 198 20.63 -13.12 17.78
CA ILE A 198 21.66 -12.27 17.23
C ILE A 198 22.97 -12.37 18.04
N LYS A 199 22.88 -12.38 19.37
CA LYS A 199 24.07 -12.53 20.24
C LYS A 199 24.76 -13.89 20.06
N GLU A 200 23.95 -14.95 19.96
CA GLU A 200 24.46 -16.32 19.74
C GLU A 200 25.09 -16.54 18.35
N LEU A 201 24.66 -15.77 17.37
CA LEU A 201 25.25 -15.84 16.03
C LEU A 201 26.56 -15.06 15.88
N GLU A 202 26.84 -14.16 16.82
CA GLU A 202 28.05 -13.33 16.78
C GLU A 202 29.41 -14.06 16.66
N PRO A 203 29.61 -15.21 17.36
CA PRO A 203 30.87 -15.94 17.16
C PRO A 203 31.10 -16.45 15.73
N TYR A 204 30.02 -16.60 14.96
CA TYR A 204 30.10 -17.20 13.63
C TYR A 204 30.10 -16.15 12.53
N ARG A 205 30.13 -14.89 12.98
CA ARG A 205 30.29 -13.69 12.15
C ARG A 205 29.67 -13.71 10.74
N PRO A 206 28.33 -13.83 10.67
CA PRO A 206 27.71 -13.71 9.35
C PRO A 206 27.88 -12.29 8.80
N LEU A 207 27.80 -12.16 7.48
CA LEU A 207 28.05 -10.87 6.84
C LEU A 207 26.99 -9.83 7.20
N PHE A 208 25.75 -10.31 7.37
CA PHE A 208 24.64 -9.48 7.80
C PHE A 208 23.53 -10.36 8.34
N ILE A 209 22.60 -9.74 9.06
CA ILE A 209 21.37 -10.39 9.48
C ILE A 209 20.25 -9.68 8.71
N GLU A 210 19.57 -10.43 7.86
CA GLU A 210 18.53 -9.86 7.03
C GLU A 210 17.16 -10.18 7.56
N GLU A 211 16.35 -9.13 7.71
CA GLU A 211 14.98 -9.19 8.20
C GLU A 211 14.79 -10.11 9.42
N PRO A 212 15.48 -9.80 10.55
CA PRO A 212 15.35 -10.71 11.68
C PRO A 212 13.91 -10.75 12.21
N VAL A 213 13.34 -9.58 12.50
CA VAL A 213 11.93 -9.45 12.83
C VAL A 213 11.26 -8.60 11.75
N LEU A 214 9.93 -8.61 11.72
CA LEU A 214 9.19 -7.69 10.85
C LEU A 214 8.95 -6.37 11.56
N ALA A 215 9.55 -5.31 11.02
CA ALA A 215 9.49 -3.97 11.63
C ALA A 215 8.10 -3.37 11.64
N GLU A 216 7.49 -3.33 12.82
CA GLU A 216 6.24 -2.59 13.02
C GLU A 216 6.56 -1.10 13.12
N GLN A 217 7.62 -0.77 13.88
CA GLN A 217 8.09 0.60 14.07
C GLN A 217 9.45 0.82 13.39
N ALA A 218 9.78 2.08 13.08
CA ALA A 218 11.06 2.43 12.46
C ALA A 218 12.22 2.38 13.46
N GLU A 219 11.86 2.42 14.75
CA GLU A 219 12.83 2.43 15.84
C GLU A 219 13.43 1.05 16.10
N THR A 220 12.72 -0.02 15.71
CA THR A 220 13.13 -1.40 16.02
C THR A 220 14.53 -1.80 15.51
N TYR A 221 14.90 -1.38 14.30
CA TYR A 221 16.24 -1.66 13.75
C TYR A 221 17.35 -0.97 14.54
N ALA A 222 17.11 0.29 14.90
CA ALA A 222 18.06 1.09 15.65
C ALA A 222 18.33 0.44 17.01
N ARG A 223 17.26 -0.06 17.63
CA ARG A 223 17.34 -0.70 18.94
C ARG A 223 18.07 -2.04 18.87
N LEU A 224 17.87 -2.79 17.80
CA LEU A 224 18.57 -4.05 17.58
C LEU A 224 20.06 -3.82 17.34
N ALA A 225 20.37 -2.84 16.49
CA ALA A 225 21.74 -2.54 16.11
C ALA A 225 22.61 -2.07 17.28
N ALA A 226 21.98 -1.38 18.24
CA ALA A 226 22.65 -0.94 19.47
C ALA A 226 23.25 -2.08 20.29
N HIS A 227 22.70 -3.29 20.15
CA HIS A 227 23.08 -4.46 20.94
C HIS A 227 24.16 -5.34 20.32
N THR A 228 24.47 -5.13 19.05
CA THR A 228 25.29 -6.08 18.30
C THR A 228 26.33 -5.39 17.42
N HIS A 229 27.41 -6.10 17.11
CA HIS A 229 28.33 -5.67 16.09
C HIS A 229 27.90 -6.10 14.69
N LEU A 230 26.95 -7.04 14.60
CA LEU A 230 26.55 -7.60 13.31
C LEU A 230 25.75 -6.58 12.48
N PRO A 231 26.05 -6.46 11.18
CA PRO A 231 25.32 -5.53 10.32
C PRO A 231 23.89 -6.03 10.09
N ILE A 232 22.92 -5.11 10.07
CA ILE A 232 21.54 -5.48 9.78
C ILE A 232 21.18 -5.04 8.37
N ALA A 233 20.55 -5.95 7.64
CA ALA A 233 20.05 -5.68 6.30
C ALA A 233 18.52 -5.66 6.27
N ALA A 234 17.98 -4.74 5.47
CA ALA A 234 16.53 -4.54 5.37
C ALA A 234 16.22 -3.76 4.11
N GLY A 235 14.98 -3.87 3.63
CA GLY A 235 14.55 -3.05 2.51
C GLY A 235 13.54 -3.71 1.60
N GLU A 236 13.57 -5.04 1.59
CA GLU A 236 12.68 -5.91 0.79
C GLU A 236 11.21 -5.45 0.81
N ARG A 237 10.71 -5.17 2.01
CA ARG A 237 9.31 -4.80 2.26
C ARG A 237 9.05 -3.28 2.31
N MET A 238 9.96 -2.49 1.74
CA MET A 238 9.76 -1.03 1.61
C MET A 238 9.67 -0.59 0.15
N PHE A 239 8.72 0.30 -0.16
CA PHE A 239 8.32 0.49 -1.56
C PHE A 239 8.59 1.85 -2.20
N SER A 240 8.98 2.83 -1.40
CA SER A 240 9.32 4.16 -1.92
C SER A 240 10.31 4.87 -1.02
N ARG A 241 10.89 5.96 -1.53
CA ARG A 241 11.80 6.84 -0.80
C ARG A 241 11.22 7.34 0.52
N PHE A 242 9.91 7.49 0.53
CA PHE A 242 9.18 7.94 1.71
C PHE A 242 9.22 6.89 2.83
N ASP A 243 9.19 5.61 2.44
CA ASP A 243 9.34 4.50 3.39
C ASP A 243 10.77 4.36 3.88
N PHE A 244 11.72 4.54 2.95
CA PHE A 244 13.14 4.37 3.25
C PHE A 244 13.74 5.49 4.09
N LYS A 245 13.25 6.72 3.92
CA LYS A 245 13.69 7.87 4.71
C LYS A 245 13.54 7.62 6.20
N ARG A 246 12.40 7.03 6.58
CA ARG A 246 12.05 6.72 7.97
C ARG A 246 13.10 5.81 8.59
N VAL A 247 13.47 4.78 7.83
CA VAL A 247 14.44 3.77 8.26
C VAL A 247 15.85 4.35 8.33
N LEU A 248 16.22 5.17 7.34
CA LEU A 248 17.55 5.75 7.28
C LEU A 248 17.77 6.77 8.42
N GLU A 249 16.73 7.57 8.72
CA GLU A 249 16.81 8.61 9.77
C GLU A 249 17.06 8.04 11.17
N ALA A 250 16.42 6.91 11.46
CA ALA A 250 16.63 6.23 12.73
C ALA A 250 18.00 5.54 12.78
N GLY A 251 18.50 5.09 11.64
CA GLY A 251 19.75 4.35 11.60
C GLY A 251 19.53 2.93 12.10
N GLY A 252 20.61 2.15 12.18
CA GLY A 252 20.46 0.76 12.58
C GLY A 252 20.47 -0.24 11.44
N VAL A 253 20.20 0.23 10.22
CA VAL A 253 20.33 -0.61 9.02
C VAL A 253 21.66 -0.27 8.33
N SER A 254 22.52 -1.27 8.15
CA SER A 254 23.83 -1.09 7.53
C SER A 254 23.77 -1.25 6.03
N ILE A 255 22.85 -2.11 5.60
CA ILE A 255 22.78 -2.56 4.21
C ILE A 255 21.34 -2.47 3.76
N LEU A 256 21.10 -1.62 2.77
CA LEU A 256 19.76 -1.42 2.24
C LEU A 256 19.48 -2.31 1.04
N GLN A 257 18.34 -2.98 1.09
CA GLN A 257 17.93 -3.94 0.07
C GLN A 257 16.60 -3.62 -0.63
N PRO A 258 16.55 -2.50 -1.38
CA PRO A 258 15.34 -2.29 -2.14
C PRO A 258 15.21 -3.27 -3.28
N ASP A 259 13.98 -3.55 -3.66
CA ASP A 259 13.74 -4.46 -4.75
C ASP A 259 13.35 -3.65 -5.97
N LEU A 260 14.10 -3.82 -7.06
CA LEU A 260 13.85 -3.08 -8.31
C LEU A 260 12.45 -3.35 -8.89
N SER A 261 11.90 -4.51 -8.54
CA SER A 261 10.64 -4.94 -9.14
C SER A 261 9.50 -4.69 -8.15
N HIS A 262 9.84 -3.99 -7.09
CA HIS A 262 8.85 -3.62 -6.11
C HIS A 262 8.88 -2.13 -5.81
N ALA A 263 10.07 -1.59 -5.60
CA ALA A 263 10.22 -0.21 -5.16
C ALA A 263 10.19 0.81 -6.31
N GLY A 264 9.29 0.63 -7.26
CA GLY A 264 9.05 1.64 -8.29
C GLY A 264 10.05 1.70 -9.44
N GLY A 265 10.90 0.68 -9.54
CA GLY A 265 11.72 0.47 -10.75
C GLY A 265 13.03 1.26 -10.69
N ILE A 266 13.66 1.40 -11.84
CA ILE A 266 14.95 2.09 -11.95
C ILE A 266 14.88 3.55 -11.50
N THR A 267 13.83 4.24 -11.95
CA THR A 267 13.63 5.69 -11.66
C THR A 267 13.68 5.97 -10.16
N GLU A 268 12.96 5.15 -9.40
CA GLU A 268 12.91 5.31 -7.96
C GLU A 268 14.12 4.65 -7.25
N CYS A 269 14.59 3.51 -7.76
CA CYS A 269 15.71 2.85 -7.07
C CYS A 269 17.03 3.63 -7.15
N VAL A 270 17.26 4.34 -8.25
CA VAL A 270 18.42 5.27 -8.35
C VAL A 270 18.41 6.39 -7.30
N LYS A 271 17.21 6.90 -7.04
CA LYS A 271 16.96 7.87 -5.97
C LYS A 271 17.10 7.29 -4.57
N ILE A 272 16.65 6.04 -4.37
CA ILE A 272 16.83 5.38 -3.09
C ILE A 272 18.35 5.19 -2.82
N ALA A 273 19.08 4.78 -3.84
CA ALA A 273 20.52 4.57 -3.77
C ALA A 273 21.30 5.83 -3.36
N ALA A 274 20.99 6.96 -4.03
CA ALA A 274 21.58 8.27 -3.74
C ALA A 274 21.23 8.75 -2.33
N MET A 275 19.96 8.60 -1.94
CA MET A 275 19.52 8.90 -0.57
C MET A 275 20.34 8.13 0.48
N ALA A 276 20.47 6.82 0.28
CA ALA A 276 21.24 5.92 1.14
C ALA A 276 22.71 6.32 1.30
N GLU A 277 23.33 6.76 0.22
CA GLU A 277 24.73 7.21 0.21
C GLU A 277 24.95 8.41 1.13
N ALA A 278 23.92 9.23 1.30
CA ALA A 278 23.98 10.40 2.14
C ALA A 278 23.87 10.06 3.63
N TYR A 279 23.46 8.82 3.93
CA TYR A 279 23.39 8.31 5.30
C TYR A 279 24.50 7.29 5.60
N ASP A 280 25.43 7.15 4.65
CA ASP A 280 26.51 6.15 4.70
C ASP A 280 25.98 4.70 4.88
N VAL A 281 24.97 4.38 4.09
CA VAL A 281 24.37 3.04 4.04
C VAL A 281 24.66 2.46 2.67
N ALA A 282 25.17 1.22 2.67
CA ALA A 282 25.44 0.46 1.45
C ALA A 282 24.17 -0.07 0.80
N LEU A 283 24.22 -0.19 -0.53
CA LEU A 283 23.10 -0.73 -1.29
C LEU A 283 23.41 -2.16 -1.70
N ALA A 284 22.49 -3.06 -1.39
CA ALA A 284 22.50 -4.41 -1.93
C ALA A 284 21.10 -4.78 -2.39
N PRO A 285 20.74 -4.41 -3.64
CA PRO A 285 19.39 -4.65 -4.14
C PRO A 285 18.89 -6.09 -4.03
N HIS A 286 17.64 -6.22 -3.61
CA HIS A 286 16.97 -7.50 -3.47
C HIS A 286 16.60 -8.01 -4.87
N CYS A 287 17.14 -9.16 -5.27
CA CYS A 287 16.76 -9.78 -6.55
C CYS A 287 16.70 -11.30 -6.56
N PRO A 288 15.59 -11.87 -6.06
CA PRO A 288 15.37 -13.31 -6.19
C PRO A 288 14.49 -13.65 -7.40
N LEU A 289 14.60 -12.83 -8.46
CA LEU A 289 13.67 -12.93 -9.57
C LEU A 289 14.35 -13.32 -10.86
N GLY A 290 13.73 -12.96 -11.97
CA GLY A 290 14.24 -13.31 -13.28
C GLY A 290 15.23 -12.32 -13.87
N PRO A 291 15.55 -12.55 -15.14
CA PRO A 291 16.66 -11.90 -15.80
C PRO A 291 16.43 -10.40 -16.02
N ILE A 292 15.19 -10.01 -16.31
CA ILE A 292 14.82 -8.61 -16.54
C ILE A 292 15.02 -7.79 -15.24
N ALA A 293 14.50 -8.31 -14.13
CA ALA A 293 14.72 -7.70 -12.81
C ALA A 293 16.21 -7.62 -12.45
N LEU A 294 16.97 -8.68 -12.75
CA LEU A 294 18.41 -8.67 -12.49
C LEU A 294 19.12 -7.62 -13.32
N ALA A 295 18.78 -7.52 -14.60
CA ALA A 295 19.37 -6.48 -15.47
C ALA A 295 19.10 -5.09 -14.90
N ALA A 296 17.85 -4.82 -14.54
CA ALA A 296 17.48 -3.56 -13.87
C ALA A 296 18.36 -3.28 -12.64
N CYS A 297 18.55 -4.29 -11.80
CA CYS A 297 19.41 -4.19 -10.62
C CYS A 297 20.84 -3.84 -10.99
N LEU A 298 21.40 -4.50 -12.02
CA LEU A 298 22.75 -4.19 -12.47
C LEU A 298 22.92 -2.75 -12.94
N HIS A 299 21.92 -2.18 -13.59
CA HIS A 299 22.09 -0.81 -14.05
C HIS A 299 22.21 0.17 -12.91
N VAL A 300 21.39 -0.03 -11.89
CA VAL A 300 21.51 0.72 -10.62
C VAL A 300 22.87 0.48 -9.98
N ASP A 301 23.31 -0.78 -9.87
CA ASP A 301 24.62 -1.08 -9.27
C ASP A 301 25.79 -0.40 -9.97
N PHE A 302 25.71 -0.31 -11.30
CA PHE A 302 26.81 0.21 -12.10
C PHE A 302 26.90 1.72 -12.20
N VAL A 303 25.88 2.42 -11.68
CA VAL A 303 25.90 3.88 -11.57
C VAL A 303 25.98 4.40 -10.10
N SER A 304 25.77 3.51 -9.10
CA SER A 304 25.71 3.92 -7.69
C SER A 304 26.97 3.51 -6.93
N TRP A 305 27.73 4.50 -6.50
CA TRP A 305 29.01 4.25 -5.88
C TRP A 305 28.88 3.40 -4.60
N ASN A 306 27.76 3.56 -3.89
CA ASN A 306 27.52 2.82 -2.64
C ASN A 306 26.99 1.38 -2.78
N ALA A 307 26.76 0.90 -4.01
CA ALA A 307 26.33 -0.50 -4.19
C ALA A 307 27.51 -1.44 -3.88
N THR A 308 27.28 -2.47 -3.06
CA THR A 308 28.38 -3.39 -2.63
C THR A 308 28.21 -4.83 -3.10
N LEU A 309 27.00 -5.37 -2.99
CA LEU A 309 26.72 -6.75 -3.32
C LEU A 309 25.43 -6.85 -4.13
N GLN A 310 25.42 -7.72 -5.13
CA GLN A 310 24.18 -8.01 -5.88
C GLN A 310 23.77 -9.47 -5.77
N GLU A 311 22.60 -9.69 -5.16
CA GLU A 311 22.01 -11.03 -5.12
C GLU A 311 21.65 -11.47 -6.52
N GLN A 312 21.91 -12.74 -6.82
CA GLN A 312 21.39 -13.34 -8.05
C GLN A 312 20.95 -14.78 -7.79
N SER A 313 20.02 -15.27 -8.60
CA SER A 313 19.43 -16.61 -8.42
C SER A 313 19.84 -17.62 -9.50
N MET A 314 21.13 -17.71 -9.80
CA MET A 314 21.65 -18.71 -10.75
C MET A 314 22.24 -19.91 -10.02
N GLU A 323 15.14 -21.91 -14.64
CA GLU A 323 16.00 -20.83 -14.14
C GLU A 323 15.84 -19.56 -14.98
N LEU A 324 16.46 -18.48 -14.51
CA LEU A 324 16.27 -17.15 -15.09
C LEU A 324 16.79 -16.99 -16.51
N LEU A 325 17.85 -17.71 -16.83
CA LEU A 325 18.46 -17.58 -18.15
C LEU A 325 17.72 -18.32 -19.29
N ASP A 326 16.73 -19.15 -18.95
CA ASP A 326 15.85 -19.81 -19.92
C ASP A 326 15.28 -18.85 -20.98
N TYR A 327 14.72 -17.73 -20.52
CA TYR A 327 14.08 -16.74 -21.41
C TYR A 327 15.08 -15.75 -22.03
N VAL A 328 16.35 -15.89 -21.72
CA VAL A 328 17.35 -14.97 -22.26
C VAL A 328 18.20 -15.61 -23.35
N ARG A 329 18.26 -14.96 -24.52
CA ARG A 329 19.08 -15.45 -25.63
C ARG A 329 20.56 -15.12 -25.50
N ASN A 330 20.88 -14.05 -24.78
CA ASN A 330 22.27 -13.58 -24.62
C ASN A 330 22.83 -13.95 -23.24
N LYS A 331 22.86 -15.25 -22.95
CA LYS A 331 23.20 -15.77 -21.61
C LYS A 331 24.59 -15.41 -21.11
N ALA A 332 25.57 -15.35 -22.01
CA ALA A 332 26.97 -15.06 -21.68
C ALA A 332 27.19 -13.66 -21.12
N ASP A 333 26.28 -12.74 -21.43
CA ASP A 333 26.34 -11.39 -20.89
C ASP A 333 26.21 -11.37 -19.37
N PHE A 334 25.63 -12.43 -18.81
CA PHE A 334 25.39 -12.54 -17.36
C PHE A 334 26.26 -13.57 -16.67
N ALA A 335 27.32 -13.99 -17.35
CA ALA A 335 28.25 -14.97 -16.80
C ALA A 335 29.08 -14.36 -15.66
N LEU A 336 29.51 -15.23 -14.74
CA LEU A 336 30.17 -14.81 -13.53
C LEU A 336 31.59 -15.34 -13.45
N GLU A 337 32.55 -14.42 -13.23
CA GLU A 337 33.94 -14.81 -12.99
C GLU A 337 34.40 -14.34 -11.63
N GLY A 338 34.68 -15.30 -10.76
CA GLY A 338 35.09 -15.04 -9.38
C GLY A 338 34.00 -14.40 -8.53
N GLY A 339 32.75 -14.69 -8.84
CA GLY A 339 31.62 -14.04 -8.20
C GLY A 339 31.23 -12.69 -8.79
N TYR A 340 32.02 -12.20 -9.75
CA TYR A 340 31.79 -10.89 -10.36
C TYR A 340 30.99 -10.97 -11.65
N ILE A 341 30.08 -10.01 -11.84
CA ILE A 341 29.35 -9.89 -13.10
C ILE A 341 29.80 -8.62 -13.84
N ARG A 342 29.73 -8.64 -15.16
CA ARG A 342 30.15 -7.50 -15.98
C ARG A 342 28.94 -6.59 -16.26
N PRO A 343 29.17 -5.33 -16.71
CA PRO A 343 28.03 -4.49 -17.11
C PRO A 343 27.32 -5.10 -18.31
N PRO A 344 25.98 -5.01 -18.32
CA PRO A 344 25.21 -5.43 -19.47
C PRO A 344 25.67 -4.68 -20.71
N ARG A 345 25.54 -5.32 -21.86
CA ARG A 345 26.26 -4.87 -23.06
C ARG A 345 25.31 -4.33 -24.13
N LEU A 346 24.19 -5.03 -24.35
CA LEU A 346 23.23 -4.68 -25.40
C LEU A 346 22.42 -3.44 -25.04
N PRO A 347 21.77 -2.78 -26.03
CA PRO A 347 21.04 -1.58 -25.61
C PRO A 347 19.83 -1.86 -24.71
N GLY A 348 19.49 -0.88 -23.89
CA GLY A 348 18.33 -0.99 -23.00
C GLY A 348 18.79 -1.69 -21.74
N LEU A 349 17.92 -2.54 -21.21
CA LEU A 349 18.27 -3.36 -20.04
C LEU A 349 19.39 -4.38 -20.36
N GLY A 350 19.56 -4.74 -21.63
CA GLY A 350 20.61 -5.67 -22.04
C GLY A 350 20.17 -7.12 -22.04
N VAL A 351 18.88 -7.33 -22.22
CA VAL A 351 18.30 -8.66 -22.21
C VAL A 351 17.60 -8.89 -23.53
N ASP A 352 18.04 -9.91 -24.25
CA ASP A 352 17.36 -10.32 -25.47
C ASP A 352 16.39 -11.45 -25.09
N ILE A 353 15.12 -11.07 -24.98
CA ILE A 353 14.12 -11.97 -24.46
C ILE A 353 13.63 -12.87 -25.59
N ASP A 354 13.58 -14.17 -25.30
CA ASP A 354 13.00 -15.16 -26.21
C ASP A 354 11.49 -15.08 -26.08
N GLU A 355 10.90 -14.22 -26.91
CA GLU A 355 9.50 -13.86 -26.83
C GLU A 355 8.62 -15.05 -27.17
N ALA A 356 9.07 -15.89 -28.11
CA ALA A 356 8.33 -17.09 -28.49
C ALA A 356 8.20 -18.06 -27.29
N LEU A 357 9.29 -18.26 -26.58
CA LEU A 357 9.30 -19.09 -25.36
C LEU A 357 8.38 -18.51 -24.25
N VAL A 358 8.39 -17.19 -24.12
CA VAL A 358 7.57 -16.49 -23.13
C VAL A 358 6.08 -16.72 -23.43
N ILE A 359 5.67 -16.52 -24.68
CA ILE A 359 4.30 -16.78 -25.13
C ILE A 359 3.83 -18.23 -24.85
N GLU A 360 4.67 -19.22 -25.16
CA GLU A 360 4.29 -20.62 -24.96
C GLU A 360 4.13 -21.03 -23.49
N ARG A 361 5.07 -20.62 -22.64
CA ARG A 361 5.01 -20.97 -21.22
C ARG A 361 3.97 -20.14 -20.46
N SER A 362 3.51 -19.05 -21.07
CA SER A 362 2.42 -18.24 -20.51
C SER A 362 1.04 -18.78 -20.88
N LYS A 363 0.97 -19.61 -21.93
CA LYS A 363 -0.28 -20.23 -22.34
C LYS A 363 -0.73 -21.33 -21.37
N GLU A 364 0.25 -22.05 -20.84
CA GLU A 364 0.00 -23.09 -19.84
C GLU A 364 0.37 -22.57 -18.45
N ALA A 365 -0.45 -21.67 -17.93
CA ALA A 365 -0.23 -21.06 -16.62
C ALA A 365 -1.39 -21.34 -15.66
N PRO A 366 -1.08 -21.98 -14.51
CA PRO A 366 -2.07 -22.22 -13.45
C PRO A 366 -2.41 -20.92 -12.70
N PRO A 371 -0.93 -20.83 -0.56
CA PRO A 371 -1.07 -21.60 0.68
C PRO A 371 -1.00 -20.71 1.92
N VAL A 372 -1.40 -21.25 3.07
CA VAL A 372 -1.36 -20.52 4.34
C VAL A 372 -0.63 -21.36 5.40
N TRP A 373 0.47 -20.82 5.93
CA TRP A 373 1.13 -21.41 7.08
C TRP A 373 0.46 -20.95 8.37
N ARG A 374 0.33 -21.87 9.31
CA ARG A 374 -0.24 -21.59 10.61
C ARG A 374 0.68 -22.09 11.71
N HIS A 375 0.69 -21.37 12.82
CA HIS A 375 1.37 -21.83 14.03
C HIS A 375 0.62 -23.03 14.61
N ALA A 376 1.23 -23.68 15.60
CA ALA A 376 0.64 -24.82 16.27
C ALA A 376 -0.73 -24.53 16.91
N ASP A 377 -0.93 -23.29 17.37
CA ASP A 377 -2.18 -22.92 18.02
C ASP A 377 -3.32 -22.57 17.05
N GLY A 378 -3.05 -22.67 15.75
CA GLY A 378 -4.05 -22.39 14.73
C GLY A 378 -4.00 -20.97 14.18
N SER A 379 -3.27 -20.09 14.86
CA SER A 379 -3.15 -18.69 14.41
C SER A 379 -2.34 -18.62 13.14
N VAL A 380 -2.71 -17.68 12.26
CA VAL A 380 -2.02 -17.49 10.99
C VAL A 380 -0.59 -16.99 11.20
N ALA A 381 0.33 -17.48 10.38
CA ALA A 381 1.71 -17.07 10.46
C ALA A 381 1.99 -16.04 9.38
N GLU A 382 2.69 -14.98 9.76
CA GLU A 382 3.12 -13.93 8.83
C GLU A 382 3.92 -14.52 7.66
N TRP A 383 3.64 -14.03 6.46
CA TRP A 383 4.26 -14.48 5.21
C TRP A 383 5.78 -14.39 5.24
N ALA A 384 6.44 -15.38 4.64
CA ALA A 384 7.91 -15.43 4.57
C ALA A 384 8.45 -14.62 3.40
N MET B 1 -21.08 -26.29 11.48
CA MET B 1 -19.93 -25.78 10.67
C MET B 1 -20.35 -25.05 9.37
N VAL B 2 -20.73 -23.77 9.49
CA VAL B 2 -21.10 -22.90 8.36
C VAL B 2 -19.90 -22.63 7.45
N LYS B 3 -20.10 -22.64 6.14
CA LYS B 3 -19.05 -22.28 5.21
C LYS B 3 -19.44 -21.13 4.27
N ILE B 4 -18.49 -20.25 3.98
CA ILE B 4 -18.58 -19.31 2.85
C ILE B 4 -18.55 -20.11 1.55
N THR B 5 -19.45 -19.78 0.64
CA THR B 5 -19.58 -20.49 -0.63
C THR B 5 -19.19 -19.68 -1.83
N ARG B 6 -19.40 -18.36 -1.77
CA ARG B 6 -19.23 -17.53 -2.96
C ARG B 6 -19.08 -16.04 -2.61
N LEU B 7 -18.24 -15.35 -3.38
CA LEU B 7 -18.20 -13.89 -3.34
C LEU B 7 -18.45 -13.32 -4.71
N THR B 8 -19.29 -12.29 -4.77
CA THR B 8 -19.63 -11.67 -6.05
C THR B 8 -19.51 -10.15 -5.89
N THR B 9 -18.91 -9.51 -6.88
CA THR B 9 -18.76 -8.05 -6.87
C THR B 9 -19.66 -7.35 -7.89
N TYR B 10 -20.11 -6.15 -7.54
CA TYR B 10 -21.00 -5.39 -8.45
C TYR B 10 -20.54 -3.95 -8.57
N ARG B 11 -20.29 -3.48 -9.79
CA ARG B 11 -19.93 -2.06 -9.98
C ARG B 11 -21.18 -1.23 -10.26
N LEU B 12 -21.34 -0.10 -9.60
CA LEU B 12 -22.61 0.67 -9.62
C LEU B 12 -22.43 2.17 -9.95
N PRO B 13 -23.45 2.80 -10.59
CA PRO B 13 -23.51 4.21 -11.08
C PRO B 13 -22.73 5.33 -10.35
N PRO B 14 -22.92 5.53 -9.02
CA PRO B 14 -22.14 6.65 -8.46
C PRO B 14 -20.68 6.28 -8.13
N ARG B 15 -20.05 5.53 -9.03
CA ARG B 15 -18.76 4.83 -8.85
C ARG B 15 -18.56 4.14 -7.48
N TRP B 16 -19.55 3.35 -7.11
CA TRP B 16 -19.49 2.52 -5.93
C TRP B 16 -19.30 1.06 -6.36
N MET B 17 -18.72 0.25 -5.47
CA MET B 17 -18.69 -1.20 -5.64
C MET B 17 -19.32 -1.84 -4.42
N PHE B 18 -20.28 -2.74 -4.66
CA PHE B 18 -20.86 -3.54 -3.59
C PHE B 18 -20.32 -4.95 -3.72
N LEU B 19 -20.29 -5.65 -2.61
CA LEU B 19 -19.76 -6.98 -2.59
C LEU B 19 -20.71 -7.83 -1.77
N LYS B 20 -20.93 -9.07 -2.24
CA LYS B 20 -21.87 -9.98 -1.60
C LYS B 20 -21.16 -11.30 -1.25
N VAL B 21 -21.19 -11.67 0.03
CA VAL B 21 -20.61 -12.93 0.54
C VAL B 21 -21.77 -13.85 0.90
N GLU B 22 -21.80 -15.01 0.25
CA GLU B 22 -22.83 -16.03 0.48
C GLU B 22 -22.28 -17.19 1.29
N THR B 23 -23.15 -17.83 2.08
CA THR B 23 -22.75 -18.96 2.89
C THR B 23 -23.66 -20.17 2.60
N ASP B 24 -23.25 -21.37 3.01
CA ASP B 24 -24.07 -22.58 2.75
C ASP B 24 -25.37 -22.65 3.57
N GLU B 25 -25.51 -21.78 4.56
CA GLU B 25 -26.73 -21.75 5.36
CA GLU B 25 -26.71 -21.72 5.38
C GLU B 25 -27.73 -20.72 4.83
N GLY B 26 -27.35 -20.05 3.74
CA GLY B 26 -28.21 -19.05 3.09
C GLY B 26 -28.18 -17.69 3.72
N VAL B 27 -27.18 -17.44 4.58
CA VAL B 27 -27.03 -16.14 5.21
C VAL B 27 -26.01 -15.33 4.43
N THR B 28 -26.46 -14.18 3.94
CA THR B 28 -25.72 -13.32 3.03
C THR B 28 -25.23 -12.04 3.73
N GLY B 29 -23.97 -11.70 3.51
CA GLY B 29 -23.40 -10.43 3.97
C GLY B 29 -23.04 -9.50 2.82
N TRP B 30 -23.18 -8.18 3.05
CA TRP B 30 -22.83 -7.15 2.09
C TRP B 30 -21.68 -6.29 2.60
N GLY B 31 -20.84 -5.87 1.68
CA GLY B 31 -19.68 -5.03 1.98
C GLY B 31 -19.49 -3.99 0.90
N GLU B 32 -18.74 -2.94 1.21
CA GLU B 32 -18.54 -1.88 0.25
C GLU B 32 -17.10 -1.39 0.32
N PRO B 33 -16.24 -1.93 -0.56
CA PRO B 33 -14.90 -1.35 -0.64
C PRO B 33 -14.92 -0.01 -1.36
N VAL B 34 -13.85 0.75 -1.20
CA VAL B 34 -13.73 2.00 -1.93
C VAL B 34 -12.98 1.73 -3.24
N ILE B 35 -13.52 2.19 -4.33
CA ILE B 35 -12.85 1.99 -5.57
C ILE B 35 -12.33 3.23 -6.23
N GLU B 36 -12.83 4.39 -5.85
CA GLU B 36 -12.59 5.58 -6.61
C GLU B 36 -11.25 5.49 -7.25
N GLY B 37 -11.28 5.27 -8.53
CA GLY B 37 -10.13 5.26 -9.40
C GLY B 37 -9.35 4.03 -9.78
N ARG B 38 -9.40 2.96 -9.01
CA ARG B 38 -8.68 1.77 -9.35
C ARG B 38 -9.59 0.59 -9.23
N ALA B 39 -10.76 0.73 -9.78
CA ALA B 39 -11.84 -0.24 -9.64
C ALA B 39 -11.47 -1.67 -10.02
N ARG B 40 -10.81 -1.84 -11.16
CA ARG B 40 -10.43 -3.16 -11.66
C ARG B 40 -9.39 -3.82 -10.76
N THR B 41 -8.49 -3.02 -10.20
CA THR B 41 -7.43 -3.53 -9.33
C THR B 41 -8.01 -3.96 -7.98
N VAL B 42 -8.91 -3.14 -7.43
CA VAL B 42 -9.57 -3.50 -6.16
C VAL B 42 -10.49 -4.71 -6.37
N GLU B 43 -11.21 -4.73 -7.49
CA GLU B 43 -12.07 -5.87 -7.79
C GLU B 43 -11.26 -7.18 -7.89
N ALA B 44 -10.10 -7.10 -8.56
CA ALA B 44 -9.18 -8.25 -8.66
C ALA B 44 -8.66 -8.66 -7.30
N ALA B 45 -8.32 -7.68 -6.45
CA ALA B 45 -7.88 -7.99 -5.10
C ALA B 45 -8.93 -8.77 -4.29
N VAL B 46 -10.19 -8.33 -4.38
CA VAL B 46 -11.30 -8.99 -3.66
C VAL B 46 -11.41 -10.47 -4.05
N HIS B 47 -11.32 -10.76 -5.35
CA HIS B 47 -11.43 -12.14 -5.82
C HIS B 47 -10.20 -13.00 -5.52
N GLU B 48 -9.02 -12.36 -5.44
CA GLU B 48 -7.83 -13.05 -4.99
C GLU B 48 -7.90 -13.41 -3.51
N LEU B 49 -8.40 -12.48 -2.70
CA LEU B 49 -8.55 -12.72 -1.27
C LEU B 49 -9.65 -13.76 -0.99
N SER B 50 -10.63 -13.85 -1.89
CA SER B 50 -11.72 -14.85 -1.82
CA SER B 50 -11.70 -14.83 -1.73
C SER B 50 -11.19 -16.28 -1.67
N ASP B 51 -9.96 -16.52 -2.15
CA ASP B 51 -9.30 -17.84 -2.00
C ASP B 51 -9.11 -18.24 -0.54
N TYR B 52 -8.98 -17.26 0.36
CA TYR B 52 -8.81 -17.48 1.79
C TYR B 52 -10.15 -17.69 2.49
N LEU B 53 -11.24 -17.45 1.77
CA LEU B 53 -12.56 -17.40 2.39
C LEU B 53 -13.41 -18.62 2.03
N ILE B 54 -13.41 -19.00 0.76
CA ILE B 54 -14.30 -20.08 0.28
C ILE B 54 -13.97 -21.37 1.02
N GLY B 55 -14.98 -21.95 1.65
CA GLY B 55 -14.80 -23.17 2.43
C GLY B 55 -14.62 -22.92 3.90
N GLN B 56 -14.44 -21.65 4.30
CA GLN B 56 -14.16 -21.31 5.68
C GLN B 56 -15.40 -20.84 6.41
N ASP B 57 -15.34 -20.97 7.72
CA ASP B 57 -16.42 -20.53 8.60
C ASP B 57 -16.31 -19.01 8.77
N PRO B 58 -17.33 -18.25 8.34
CA PRO B 58 -17.26 -16.79 8.45
C PRO B 58 -17.34 -16.25 9.89
N SER B 59 -17.65 -17.11 10.86
CA SER B 59 -17.67 -16.66 12.26
C SER B 59 -16.29 -16.25 12.79
N ARG B 60 -15.22 -16.78 12.20
CA ARG B 60 -13.87 -16.47 12.64
C ARG B 60 -13.36 -15.21 11.92
N ILE B 61 -14.01 -14.08 12.19
CA ILE B 61 -13.66 -12.83 11.48
C ILE B 61 -12.23 -12.44 11.81
N ASN B 62 -11.84 -12.56 13.07
CA ASN B 62 -10.46 -12.22 13.46
C ASN B 62 -9.39 -13.04 12.72
N ASP B 63 -9.59 -14.35 12.66
CA ASP B 63 -8.73 -15.25 11.88
C ASP B 63 -8.71 -14.88 10.38
N LEU B 64 -9.89 -14.69 9.79
CA LEU B 64 -9.95 -14.32 8.37
C LEU B 64 -9.31 -12.98 8.06
N TRP B 65 -9.51 -11.99 8.94
CA TRP B 65 -8.87 -10.68 8.80
C TRP B 65 -7.34 -10.81 8.81
N GLN B 66 -6.81 -11.50 9.83
CA GLN B 66 -5.38 -11.73 9.96
C GLN B 66 -4.79 -12.54 8.80
N THR B 67 -5.55 -13.51 8.30
CA THR B 67 -5.16 -14.32 7.15
C THR B 67 -5.05 -13.48 5.87
N MET B 68 -6.07 -12.67 5.58
CA MET B 68 -6.02 -11.76 4.44
C MET B 68 -4.93 -10.71 4.55
N TYR B 69 -4.71 -10.20 5.76
CA TYR B 69 -3.75 -9.13 5.99
C TYR B 69 -2.28 -9.55 5.89
N ARG B 70 -1.93 -10.67 6.50
CA ARG B 70 -0.51 -10.98 6.63
C ARG B 70 -0.01 -12.33 6.11
N ALA B 71 -0.92 -13.17 5.59
CA ALA B 71 -0.57 -14.58 5.29
C ALA B 71 0.14 -14.85 3.98
N GLY B 72 -0.32 -14.23 2.90
CA GLY B 72 0.20 -14.60 1.58
C GLY B 72 1.04 -13.57 0.86
N PHE B 73 1.31 -12.45 1.54
CA PHE B 73 1.88 -11.28 0.89
C PHE B 73 2.43 -10.28 1.90
N TYR B 74 3.04 -9.23 1.36
CA TYR B 74 3.34 -7.98 2.07
C TYR B 74 2.02 -7.35 2.56
N ARG B 75 2.09 -6.63 3.67
CA ARG B 75 0.90 -6.06 4.28
C ARG B 75 0.43 -4.79 3.55
N GLY B 76 -0.86 -4.53 3.63
CA GLY B 76 -1.37 -3.17 3.57
C GLY B 76 -1.37 -2.49 2.23
N GLY B 77 -1.54 -1.19 2.26
CA GLY B 77 -1.60 -0.42 1.07
C GLY B 77 -3.04 -0.13 0.72
N PRO B 78 -3.24 0.87 -0.14
CA PRO B 78 -4.53 1.38 -0.53
C PRO B 78 -5.38 0.34 -1.28
N ILE B 79 -4.75 -0.54 -2.07
CA ILE B 79 -5.55 -1.57 -2.77
C ILE B 79 -6.02 -2.69 -1.82
N LEU B 80 -5.06 -3.35 -1.18
CA LEU B 80 -5.38 -4.51 -0.37
C LEU B 80 -6.27 -4.17 0.82
N MET B 81 -6.01 -3.03 1.45
CA MET B 81 -6.79 -2.66 2.64
C MET B 81 -8.23 -2.31 2.28
N SER B 82 -8.44 -1.81 1.06
CA SER B 82 -9.80 -1.55 0.61
C SER B 82 -10.53 -2.87 0.32
N ALA B 83 -9.86 -3.83 -0.32
CA ALA B 83 -10.45 -5.17 -0.55
C ALA B 83 -10.82 -5.85 0.77
N ILE B 84 -9.87 -5.87 1.69
CA ILE B 84 -10.05 -6.37 3.06
C ILE B 84 -11.21 -5.68 3.79
N ALA B 85 -11.30 -4.35 3.65
CA ALA B 85 -12.35 -3.61 4.33
C ALA B 85 -13.73 -4.06 3.89
N GLY B 86 -13.92 -4.26 2.59
CA GLY B 86 -15.24 -4.60 2.05
C GLY B 86 -15.60 -6.00 2.48
N ILE B 87 -14.61 -6.87 2.46
CA ILE B 87 -14.85 -8.26 2.91
C ILE B 87 -15.20 -8.35 4.42
N ASP B 88 -14.41 -7.66 5.24
CA ASP B 88 -14.66 -7.53 6.69
C ASP B 88 -16.05 -6.98 7.04
N GLN B 89 -16.50 -5.99 6.29
CA GLN B 89 -17.88 -5.50 6.49
C GLN B 89 -18.92 -6.59 6.25
N ALA B 90 -18.76 -7.37 5.18
CA ALA B 90 -19.71 -8.44 4.90
C ALA B 90 -19.70 -9.55 5.96
N LEU B 91 -18.51 -9.92 6.45
CA LEU B 91 -18.38 -10.92 7.51
C LEU B 91 -19.09 -10.49 8.80
N TRP B 92 -18.95 -9.21 9.16
CA TRP B 92 -19.69 -8.63 10.28
C TRP B 92 -21.20 -8.62 10.04
N ASP B 93 -21.60 -8.32 8.80
CA ASP B 93 -23.01 -8.41 8.36
C ASP B 93 -23.53 -9.81 8.63
N ILE B 94 -22.75 -10.83 8.22
CA ILE B 94 -23.11 -12.23 8.48
C ILE B 94 -23.28 -12.56 9.96
N LYS B 95 -22.28 -12.19 10.76
CA LYS B 95 -22.22 -12.53 12.21
C LYS B 95 -23.45 -11.96 12.90
N GLY B 96 -23.78 -10.71 12.57
CA GLY B 96 -24.96 -10.06 13.14
C GLY B 96 -26.27 -10.74 12.74
N LYS B 97 -26.39 -11.12 11.48
CA LYS B 97 -27.58 -11.86 11.03
C LYS B 97 -27.69 -13.22 11.68
N VAL B 98 -26.56 -13.88 11.85
CA VAL B 98 -26.50 -15.16 12.54
C VAL B 98 -26.94 -15.06 14.00
N LEU B 99 -26.47 -14.03 14.70
CA LEU B 99 -26.79 -13.89 16.12
C LEU B 99 -28.03 -13.02 16.34
N GLY B 100 -28.60 -12.53 15.25
CA GLY B 100 -29.87 -11.79 15.24
C GLY B 100 -29.88 -10.38 15.79
N VAL B 101 -28.73 -9.69 15.75
CA VAL B 101 -28.61 -8.35 16.34
C VAL B 101 -27.78 -7.40 15.44
N PRO B 102 -27.94 -6.08 15.61
CA PRO B 102 -27.05 -5.16 14.92
C PRO B 102 -25.62 -5.39 15.36
N VAL B 103 -24.69 -5.11 14.47
CA VAL B 103 -23.25 -5.24 14.76
C VAL B 103 -22.79 -4.53 16.05
N TYR B 104 -23.32 -3.33 16.34
CA TYR B 104 -22.92 -2.61 17.55
C TYR B 104 -23.19 -3.38 18.85
N GLU B 105 -24.19 -4.28 18.82
CA GLU B 105 -24.56 -5.05 20.01
C GLU B 105 -23.49 -6.10 20.28
N LEU B 106 -22.87 -6.58 19.21
CA LEU B 106 -21.75 -7.52 19.32
C LEU B 106 -20.50 -6.85 19.94
N LEU B 107 -20.20 -5.64 19.50
CA LEU B 107 -18.99 -4.94 19.90
C LEU B 107 -19.15 -4.19 21.24
N GLY B 108 -19.97 -4.73 22.13
CA GLY B 108 -20.11 -4.13 23.47
C GLY B 108 -21.32 -3.23 23.67
N GLY B 109 -22.13 -3.03 22.62
CA GLY B 109 -23.38 -2.25 22.77
C GLY B 109 -23.22 -0.75 22.67
N LEU B 110 -24.35 -0.04 22.74
CA LEU B 110 -24.38 1.42 22.57
C LEU B 110 -23.57 2.18 23.61
N VAL B 111 -22.86 3.19 23.13
CA VAL B 111 -22.18 4.16 23.99
C VAL B 111 -22.94 5.51 23.91
N ARG B 112 -23.87 5.61 22.95
CA ARG B 112 -24.66 6.82 22.70
C ARG B 112 -25.98 6.41 22.07
N ASP B 113 -26.95 7.31 22.08
CA ASP B 113 -28.29 6.96 21.58
C ASP B 113 -28.52 7.44 20.16
N LYS B 114 -27.80 8.49 19.75
CA LYS B 114 -27.86 8.96 18.37
C LYS B 114 -26.52 9.52 17.99
N MET B 115 -26.32 9.73 16.69
CA MET B 115 -25.03 10.20 16.18
C MET B 115 -25.21 11.42 15.30
N ARG B 116 -24.49 12.48 15.65
CA ARG B 116 -24.49 13.69 14.86
CA ARG B 116 -24.51 13.69 14.83
C ARG B 116 -23.86 13.42 13.48
N THR B 117 -24.57 13.80 12.43
CA THR B 117 -24.08 13.70 11.07
C THR B 117 -23.85 15.11 10.51
N TYR B 118 -23.23 15.18 9.35
CA TYR B 118 -23.04 16.43 8.64
C TYR B 118 -22.81 16.09 7.18
N SER B 119 -23.11 17.04 6.30
CA SER B 119 -22.97 16.76 4.86
C SER B 119 -22.04 17.74 4.16
N TRP B 120 -21.45 17.27 3.06
CA TRP B 120 -20.74 18.13 2.12
C TRP B 120 -21.76 19.03 1.43
N VAL B 121 -21.41 20.29 1.22
CA VAL B 121 -22.22 21.18 0.40
C VAL B 121 -21.31 21.79 -0.64
N GLY B 122 -21.76 21.76 -1.88
CA GLY B 122 -20.99 22.30 -2.98
C GLY B 122 -21.65 23.54 -3.54
N GLY B 123 -21.10 24.04 -4.62
CA GLY B 123 -21.63 25.24 -5.23
C GLY B 123 -20.51 25.94 -5.93
N ASP B 124 -20.82 26.47 -7.11
CA ASP B 124 -19.85 27.14 -7.94
C ASP B 124 -19.37 28.44 -7.33
N ARG B 125 -20.31 29.21 -6.81
CA ARG B 125 -20.04 30.52 -6.20
C ARG B 125 -20.48 30.45 -4.73
N PRO B 126 -20.00 31.40 -3.88
CA PRO B 126 -20.43 31.42 -2.47
C PRO B 126 -21.95 31.46 -2.27
N ALA B 127 -22.66 32.25 -3.08
CA ALA B 127 -24.12 32.31 -3.07
C ALA B 127 -24.79 30.94 -3.19
N ASP B 128 -24.26 30.09 -4.06
CA ASP B 128 -24.75 28.74 -4.25
C ASP B 128 -24.52 27.86 -3.00
N VAL B 129 -23.35 28.00 -2.38
CA VAL B 129 -23.03 27.23 -1.17
C VAL B 129 -23.96 27.67 -0.04
N ILE B 130 -24.08 28.98 0.15
CA ILE B 130 -24.95 29.57 1.18
C ILE B 130 -26.37 29.02 1.07
N ALA B 131 -26.90 29.06 -0.16
CA ALA B 131 -28.24 28.53 -0.46
C ALA B 131 -28.39 27.05 -0.09
N GLY B 132 -27.41 26.23 -0.47
CA GLY B 132 -27.39 24.80 -0.11
C GLY B 132 -27.31 24.52 1.38
N MET B 133 -26.48 25.30 2.06
CA MET B 133 -26.40 25.27 3.52
C MET B 133 -27.72 25.67 4.18
N LYS B 134 -28.35 26.72 3.67
CA LYS B 134 -29.67 27.17 4.17
C LYS B 134 -30.79 26.16 3.92
N ALA B 135 -30.78 25.51 2.75
CA ALA B 135 -31.71 24.42 2.45
C ALA B 135 -31.54 23.23 3.41
N LEU B 136 -30.30 22.92 3.79
CA LEU B 136 -30.01 21.87 4.77
C LEU B 136 -30.32 22.32 6.19
N GLN B 137 -30.17 23.62 6.44
CA GLN B 137 -30.41 24.23 7.75
C GLN B 137 -31.89 24.14 8.14
N ALA B 138 -32.77 24.26 7.15
CA ALA B 138 -34.20 24.07 7.34
C ALA B 138 -34.55 22.62 7.67
N GLY B 139 -33.58 21.71 7.55
CA GLY B 139 -33.72 20.33 7.97
C GLY B 139 -33.10 20.00 9.32
N GLY B 140 -32.51 21.00 9.99
CA GLY B 140 -31.95 20.79 11.33
C GLY B 140 -30.44 20.68 11.39
N PHE B 141 -29.79 20.69 10.22
CA PHE B 141 -28.34 20.65 10.15
C PHE B 141 -27.73 21.99 10.53
N ASP B 142 -26.69 21.93 11.35
CA ASP B 142 -25.89 23.09 11.71
CA ASP B 142 -25.88 23.09 11.70
C ASP B 142 -24.38 22.81 11.53
N HIS B 143 -24.05 21.60 11.05
CA HIS B 143 -22.67 21.22 10.78
C HIS B 143 -22.52 20.88 9.30
N PHE B 144 -21.46 21.42 8.67
CA PHE B 144 -21.26 21.26 7.24
C PHE B 144 -19.81 20.94 6.89
N LYS B 145 -19.59 20.33 5.73
CA LYS B 145 -18.24 20.25 5.11
C LYS B 145 -18.28 20.97 3.77
N LEU B 146 -17.34 21.88 3.54
CA LEU B 146 -17.21 22.56 2.23
C LEU B 146 -15.84 22.30 1.62
N ASN B 147 -15.74 22.35 0.29
CA ASN B 147 -14.44 22.37 -0.37
C ASN B 147 -13.75 23.66 0.02
N GLY B 148 -12.46 23.57 0.31
CA GLY B 148 -11.71 24.75 0.71
C GLY B 148 -11.44 25.70 -0.46
N CYS B 149 -11.37 25.14 -1.66
CA CYS B 149 -11.14 25.91 -2.85
C CYS B 149 -12.21 25.73 -3.89
N GLU B 150 -12.31 26.71 -4.77
CA GLU B 150 -13.44 26.84 -5.65
C GLU B 150 -13.57 25.59 -6.41
N GLU B 151 -12.44 25.07 -6.84
CA GLU B 151 -12.39 23.92 -7.68
C GLU B 151 -10.95 23.66 -7.99
N MET B 152 -10.69 22.94 -9.05
CA MET B 152 -9.34 22.53 -9.35
C MET B 152 -8.37 23.68 -9.60
N GLY B 153 -7.13 23.41 -9.24
CA GLY B 153 -6.05 24.36 -9.30
C GLY B 153 -5.47 24.38 -7.93
N ILE B 154 -4.15 24.31 -7.86
CA ILE B 154 -3.44 24.34 -6.58
C ILE B 154 -3.37 25.79 -6.07
N ILE B 155 -3.55 25.96 -4.75
CA ILE B 155 -3.32 27.25 -4.13
C ILE B 155 -1.82 27.39 -3.90
N ASP B 156 -1.18 28.17 -4.77
CA ASP B 156 0.28 28.35 -4.74
C ASP B 156 0.76 29.80 -4.79
N THR B 157 -0.21 30.72 -4.85
CA THR B 157 0.08 32.16 -4.88
C THR B 157 -0.75 32.90 -3.84
N SER B 158 -0.35 34.14 -3.53
CA SER B 158 -1.09 34.99 -2.62
C SER B 158 -2.48 35.34 -3.16
N ARG B 159 -2.57 35.51 -4.47
CA ARG B 159 -3.85 35.68 -5.16
C ARG B 159 -4.83 34.51 -4.91
N ALA B 160 -4.32 33.29 -5.00
CA ALA B 160 -5.12 32.08 -4.79
C ALA B 160 -5.55 31.89 -3.33
N VAL B 161 -4.65 32.20 -2.40
CA VAL B 161 -4.95 32.21 -0.96
C VAL B 161 -6.10 33.19 -0.74
N ASP B 162 -5.96 34.39 -1.30
CA ASP B 162 -6.92 35.48 -1.09
C ASP B 162 -8.30 35.21 -1.62
N ALA B 163 -8.38 34.54 -2.76
CA ALA B 163 -9.66 34.15 -3.34
C ALA B 163 -10.34 33.08 -2.48
N ALA B 164 -9.57 32.07 -2.05
CA ALA B 164 -10.09 31.02 -1.17
C ALA B 164 -10.62 31.57 0.16
N VAL B 165 -9.88 32.50 0.77
CA VAL B 165 -10.30 33.20 2.00
C VAL B 165 -11.56 34.06 1.78
N ALA B 166 -11.61 34.79 0.65
CA ALA B 166 -12.75 35.66 0.30
C ALA B 166 -14.05 34.87 0.18
N ARG B 167 -13.95 33.69 -0.42
CA ARG B 167 -15.07 32.76 -0.49
CA ARG B 167 -15.07 32.75 -0.50
C ARG B 167 -15.55 32.34 0.89
N VAL B 168 -14.61 31.89 1.74
CA VAL B 168 -14.93 31.49 3.12
C VAL B 168 -15.53 32.66 3.89
N ALA B 169 -14.93 33.84 3.77
CA ALA B 169 -15.44 35.05 4.44
C ALA B 169 -16.90 35.29 4.07
N GLU B 170 -17.22 35.19 2.78
CA GLU B 170 -18.61 35.42 2.31
C GLU B 170 -19.60 34.40 2.87
N ILE B 171 -19.15 33.15 2.93
CA ILE B 171 -19.98 32.09 3.47
C ILE B 171 -20.19 32.30 4.97
N ARG B 172 -19.12 32.60 5.69
CA ARG B 172 -19.21 32.93 7.12
C ARG B 172 -20.14 34.15 7.42
N SER B 173 -20.06 35.20 6.59
CA SER B 173 -20.90 36.40 6.76
CA SER B 173 -20.90 36.40 6.80
C SER B 173 -22.41 36.12 6.74
N ALA B 174 -22.82 35.17 5.91
CA ALA B 174 -24.23 34.78 5.84
C ALA B 174 -24.77 34.10 7.10
N PHE B 175 -23.88 33.61 7.97
CA PHE B 175 -24.31 32.82 9.11
C PHE B 175 -23.83 33.26 10.48
N GLY B 176 -22.77 34.05 10.55
CA GLY B 176 -22.06 34.24 11.82
C GLY B 176 -21.69 32.89 12.45
N ASN B 177 -21.66 32.83 13.77
CA ASN B 177 -21.35 31.57 14.45
C ASN B 177 -22.53 30.59 14.61
N THR B 178 -23.60 30.83 13.86
CA THR B 178 -24.80 29.97 13.95
C THR B 178 -24.62 28.61 13.28
N VAL B 179 -23.58 28.46 12.43
CA VAL B 179 -23.25 27.17 11.84
C VAL B 179 -21.78 26.81 12.00
N GLU B 180 -21.49 25.52 11.91
CA GLU B 180 -20.12 25.07 11.83
C GLU B 180 -19.85 24.49 10.45
N PHE B 181 -18.71 24.86 9.88
CA PHE B 181 -18.26 24.20 8.67
C PHE B 181 -16.81 23.80 8.75
N GLY B 182 -16.50 22.59 8.26
CA GLY B 182 -15.12 22.17 8.06
C GLY B 182 -14.74 22.49 6.64
N LEU B 183 -13.45 22.70 6.41
CA LEU B 183 -12.94 22.97 5.06
C LEU B 183 -11.99 21.87 4.57
N ASP B 184 -12.38 21.25 3.46
CA ASP B 184 -11.59 20.21 2.82
C ASP B 184 -10.76 20.76 1.66
N PHE B 185 -9.44 20.71 1.84
CA PHE B 185 -8.53 21.22 0.82
C PHE B 185 -7.97 20.18 -0.15
N HIS B 186 -8.20 18.90 0.16
CA HIS B 186 -7.80 17.77 -0.71
C HIS B 186 -6.30 17.78 -1.06
N GLY B 187 -5.47 18.21 -0.11
CA GLY B 187 -4.03 18.40 -0.35
C GLY B 187 -3.63 19.41 -1.42
N ARG B 188 -4.58 20.24 -1.86
CA ARG B 188 -4.39 21.14 -3.01
C ARG B 188 -3.81 22.51 -2.66
N VAL B 189 -2.96 22.56 -1.65
CA VAL B 189 -2.27 23.78 -1.25
C VAL B 189 -0.78 23.45 -1.27
N SER B 190 0.02 24.26 -1.94
CA SER B 190 1.46 24.07 -1.91
C SER B 190 1.97 24.27 -0.48
N ALA B 191 3.02 23.55 -0.10
CA ALA B 191 3.59 23.70 1.25
C ALA B 191 3.99 25.14 1.65
N PRO B 192 4.55 25.94 0.69
CA PRO B 192 4.84 27.33 1.05
C PRO B 192 3.63 28.19 1.45
N MET B 193 2.45 27.89 0.90
CA MET B 193 1.26 28.68 1.18
C MET B 193 0.44 28.17 2.36
N ALA B 194 0.78 26.97 2.85
CA ALA B 194 -0.01 26.32 3.87
C ALA B 194 -0.22 27.20 5.11
N LYS B 195 0.85 27.80 5.64
CA LYS B 195 0.74 28.49 6.91
C LYS B 195 -0.02 29.79 6.74
N VAL B 196 0.24 30.53 5.65
CA VAL B 196 -0.47 31.81 5.47
C VAL B 196 -1.96 31.57 5.25
N LEU B 197 -2.28 30.51 4.53
CA LEU B 197 -3.68 30.18 4.24
C LEU B 197 -4.41 29.87 5.54
N ILE B 198 -3.80 29.01 6.35
CA ILE B 198 -4.37 28.66 7.65
C ILE B 198 -4.53 29.92 8.52
N LYS B 199 -3.49 30.75 8.56
CA LYS B 199 -3.55 31.99 9.34
C LYS B 199 -4.68 32.94 8.86
N GLU B 200 -4.84 33.06 7.54
CA GLU B 200 -5.84 33.95 6.97
C GLU B 200 -7.25 33.40 7.10
N LEU B 201 -7.38 32.09 7.32
CA LEU B 201 -8.68 31.48 7.57
C LEU B 201 -9.16 31.58 9.02
N GLU B 202 -8.22 31.72 9.95
CA GLU B 202 -8.51 31.84 11.40
C GLU B 202 -9.68 32.77 11.82
N PRO B 203 -9.75 34.00 11.28
CA PRO B 203 -10.89 34.84 11.72
C PRO B 203 -12.29 34.24 11.45
N TYR B 204 -12.40 33.41 10.41
CA TYR B 204 -13.70 32.84 10.02
C TYR B 204 -13.99 31.49 10.68
N ARG B 205 -13.07 31.03 11.54
CA ARG B 205 -13.31 29.91 12.48
C ARG B 205 -13.88 28.63 11.87
N PRO B 206 -13.21 28.04 10.86
CA PRO B 206 -13.72 26.72 10.48
C PRO B 206 -13.54 25.69 11.59
N LEU B 207 -14.44 24.71 11.64
CA LEU B 207 -14.41 23.70 12.68
C LEU B 207 -13.13 22.89 12.58
N PHE B 208 -12.65 22.72 11.34
CA PHE B 208 -11.42 22.00 11.04
C PHE B 208 -10.87 22.33 9.65
N ILE B 209 -9.58 22.13 9.49
CA ILE B 209 -8.94 22.21 8.19
C ILE B 209 -8.55 20.78 7.86
N GLU B 210 -9.16 20.26 6.80
CA GLU B 210 -8.94 18.87 6.45
C GLU B 210 -7.96 18.74 5.29
N GLU B 211 -6.94 17.91 5.52
CA GLU B 211 -5.85 17.64 4.58
C GLU B 211 -5.36 18.88 3.82
N PRO B 212 -4.74 19.86 4.53
CA PRO B 212 -4.33 21.08 3.83
C PRO B 212 -3.22 20.80 2.78
N VAL B 213 -2.24 19.97 3.16
CA VAL B 213 -1.17 19.50 2.28
C VAL B 213 -1.07 17.98 2.37
N LEU B 214 -0.33 17.37 1.44
CA LEU B 214 -0.04 15.95 1.54
C LEU B 214 1.07 15.63 2.55
N ALA B 215 0.74 14.78 3.52
CA ALA B 215 1.65 14.36 4.57
C ALA B 215 2.83 13.57 4.03
N GLU B 216 3.90 14.29 3.69
CA GLU B 216 5.16 13.67 3.32
C GLU B 216 5.83 13.11 4.58
N GLN B 217 6.05 13.99 5.56
CA GLN B 217 6.72 13.62 6.80
C GLN B 217 5.74 13.30 7.92
N ALA B 218 6.25 12.69 8.98
CA ALA B 218 5.48 12.43 10.19
C ALA B 218 5.20 13.73 10.95
N GLU B 219 6.13 14.67 10.83
CA GLU B 219 6.09 15.92 11.57
C GLU B 219 5.28 17.02 10.90
N THR B 220 4.78 16.77 9.68
CA THR B 220 4.12 17.82 8.91
C THR B 220 2.95 18.47 9.65
N TYR B 221 2.03 17.65 10.17
CA TYR B 221 0.83 18.15 10.84
C TYR B 221 1.17 18.83 12.16
N ALA B 222 2.09 18.22 12.89
CA ALA B 222 2.57 18.74 14.16
C ALA B 222 3.17 20.15 13.99
N ARG B 223 3.84 20.38 12.86
CA ARG B 223 4.48 21.66 12.62
C ARG B 223 3.46 22.74 12.29
N LEU B 224 2.49 22.36 11.45
CA LEU B 224 1.34 23.20 11.12
C LEU B 224 0.51 23.54 12.36
N ALA B 225 0.25 22.54 13.18
CA ALA B 225 -0.58 22.72 14.37
C ALA B 225 0.02 23.68 15.39
N ALA B 226 1.35 23.72 15.50
CA ALA B 226 2.02 24.67 16.41
C ALA B 226 1.85 26.13 16.03
N HIS B 227 1.40 26.38 14.80
CA HIS B 227 1.26 27.74 14.28
CA HIS B 227 1.25 27.73 14.28
C HIS B 227 -0.13 28.31 14.44
N THR B 228 -1.11 27.44 14.65
CA THR B 228 -2.50 27.84 14.56
C THR B 228 -3.36 27.36 15.72
N HIS B 229 -4.50 28.03 15.93
CA HIS B 229 -5.53 27.48 16.82
C HIS B 229 -6.55 26.59 16.10
N LEU B 230 -6.50 26.58 14.77
CA LEU B 230 -7.49 25.81 13.99
C LEU B 230 -7.20 24.31 14.12
N PRO B 231 -8.25 23.49 14.38
CA PRO B 231 -8.12 22.03 14.42
C PRO B 231 -7.77 21.48 13.04
N ILE B 232 -6.83 20.53 13.00
CA ILE B 232 -6.46 19.85 11.75
C ILE B 232 -7.10 18.47 11.76
N ALA B 233 -7.72 18.13 10.65
CA ALA B 233 -8.28 16.80 10.44
C ALA B 233 -7.49 16.06 9.37
N ALA B 234 -7.29 14.76 9.56
CA ALA B 234 -6.61 13.92 8.58
C ALA B 234 -6.93 12.44 8.83
N GLY B 235 -6.58 11.58 7.88
CA GLY B 235 -6.70 10.16 8.08
C GLY B 235 -7.31 9.38 6.93
N GLU B 236 -7.94 10.09 5.99
CA GLU B 236 -8.57 9.45 4.85
C GLU B 236 -7.56 8.71 3.94
N ARG B 237 -6.30 9.16 3.96
CA ARG B 237 -5.19 8.54 3.20
C ARG B 237 -4.33 7.61 4.05
N MET B 238 -4.84 7.19 5.20
CA MET B 238 -4.15 6.20 6.02
C MET B 238 -4.99 4.92 6.15
N PHE B 239 -4.33 3.77 6.07
CA PHE B 239 -5.03 2.50 5.81
C PHE B 239 -4.89 1.41 6.86
N SER B 240 -4.16 1.69 7.94
CA SER B 240 -4.04 0.75 9.05
C SER B 240 -3.65 1.47 10.33
N ARG B 241 -3.90 0.80 11.45
CA ARG B 241 -3.43 1.23 12.77
C ARG B 241 -1.96 1.66 12.77
N PHE B 242 -1.13 0.87 12.09
CA PHE B 242 0.30 1.16 11.97
C PHE B 242 0.59 2.50 11.28
N ASP B 243 -0.24 2.89 10.31
CA ASP B 243 -0.17 4.23 9.69
C ASP B 243 -0.61 5.34 10.67
N PHE B 244 -1.72 5.08 11.38
CA PHE B 244 -2.32 6.04 12.31
C PHE B 244 -1.52 6.31 13.57
N LYS B 245 -0.80 5.30 14.07
CA LYS B 245 0.03 5.44 15.27
C LYS B 245 1.11 6.53 15.12
N ARG B 246 1.73 6.56 13.94
CA ARG B 246 2.76 7.53 13.59
C ARG B 246 2.26 8.97 13.67
N VAL B 247 1.09 9.20 13.07
CA VAL B 247 0.42 10.50 13.10
C VAL B 247 0.06 10.91 14.53
N LEU B 248 -0.48 9.95 15.30
CA LEU B 248 -0.92 10.20 16.66
C LEU B 248 0.25 10.46 17.62
N GLU B 249 1.37 9.79 17.39
CA GLU B 249 2.58 9.99 18.21
C GLU B 249 3.16 11.38 18.03
N ALA B 250 3.27 11.80 16.78
CA ALA B 250 3.77 13.10 16.41
C ALA B 250 2.83 14.23 16.86
N GLY B 251 1.53 13.96 16.81
CA GLY B 251 0.53 14.96 17.15
C GLY B 251 0.28 15.89 15.99
N GLY B 252 -0.59 16.86 16.18
CA GLY B 252 -0.90 17.77 15.10
C GLY B 252 -2.29 17.57 14.56
N VAL B 253 -2.82 16.37 14.74
CA VAL B 253 -4.16 16.08 14.28
C VAL B 253 -5.16 16.01 15.43
N SER B 254 -6.22 16.81 15.32
CA SER B 254 -7.25 16.88 16.36
C SER B 254 -8.44 15.97 16.08
N ILE B 255 -8.62 15.60 14.82
CA ILE B 255 -9.80 14.86 14.39
C ILE B 255 -9.31 13.83 13.39
N LEU B 256 -9.38 12.56 13.77
CA LEU B 256 -8.98 11.48 12.90
C LEU B 256 -10.14 10.99 12.04
N GLN B 257 -9.87 10.83 10.75
CA GLN B 257 -10.92 10.49 9.79
C GLN B 257 -10.61 9.22 8.98
N PRO B 258 -10.53 8.05 9.67
CA PRO B 258 -10.36 6.84 8.89
C PRO B 258 -11.60 6.52 8.05
N ASP B 259 -11.36 5.85 6.94
CA ASP B 259 -12.41 5.40 6.04
C ASP B 259 -12.62 3.91 6.31
N LEU B 260 -13.84 3.57 6.73
CA LEU B 260 -14.26 2.20 7.01
C LEU B 260 -14.11 1.31 5.80
N SER B 261 -14.15 1.92 4.61
CA SER B 261 -14.05 1.20 3.35
C SER B 261 -12.65 1.13 2.80
N HIS B 262 -11.71 1.75 3.51
CA HIS B 262 -10.32 1.73 3.10
C HIS B 262 -9.38 1.16 4.16
N ALA B 263 -9.64 1.49 5.43
CA ALA B 263 -8.74 1.15 6.52
C ALA B 263 -9.07 -0.22 7.17
N GLY B 264 -9.24 -1.28 6.37
CA GLY B 264 -9.41 -2.66 6.89
C GLY B 264 -10.73 -3.00 7.58
N GLY B 265 -11.73 -2.13 7.42
CA GLY B 265 -13.10 -2.43 7.81
C GLY B 265 -13.41 -2.16 9.26
N ILE B 266 -14.49 -2.76 9.74
CA ILE B 266 -14.92 -2.63 11.14
C ILE B 266 -13.88 -3.13 12.11
N THR B 267 -13.30 -4.29 11.82
CA THR B 267 -12.35 -4.95 12.73
C THR B 267 -11.18 -4.03 13.07
N GLU B 268 -10.67 -3.35 12.04
CA GLU B 268 -9.54 -2.46 12.18
C GLU B 268 -9.93 -1.06 12.69
N CYS B 269 -11.02 -0.51 12.15
CA CYS B 269 -11.48 0.83 12.55
C CYS B 269 -11.91 0.95 14.03
N VAL B 270 -12.41 -0.13 14.62
CA VAL B 270 -12.71 -0.10 16.07
CA VAL B 270 -12.72 -0.13 16.07
C VAL B 270 -11.42 -0.02 16.90
N LYS B 271 -10.34 -0.60 16.36
CA LYS B 271 -9.03 -0.55 17.00
C LYS B 271 -8.39 0.81 16.75
N ILE B 272 -8.60 1.39 15.57
CA ILE B 272 -8.15 2.76 15.28
C ILE B 272 -8.83 3.78 16.21
N ALA B 273 -10.15 3.66 16.36
CA ALA B 273 -10.92 4.46 17.29
C ALA B 273 -10.45 4.37 18.74
N ALA B 274 -10.15 3.16 19.22
CA ALA B 274 -9.63 2.96 20.56
C ALA B 274 -8.23 3.55 20.72
N MET B 275 -7.38 3.38 19.70
CA MET B 275 -6.06 4.00 19.72
C MET B 275 -6.17 5.54 19.87
N ALA B 276 -7.04 6.14 19.07
CA ALA B 276 -7.31 7.58 19.07
C ALA B 276 -7.76 8.14 20.43
N GLU B 277 -8.72 7.44 21.07
CA GLU B 277 -9.20 7.73 22.43
C GLU B 277 -8.08 7.89 23.46
N ALA B 278 -6.99 7.14 23.26
CA ALA B 278 -5.85 7.17 24.17
C ALA B 278 -4.97 8.41 23.98
N TYR B 279 -5.12 9.09 22.85
CA TYR B 279 -4.37 10.31 22.57
C TYR B 279 -5.29 11.54 22.66
N ASP B 280 -6.51 11.33 23.11
CA ASP B 280 -7.57 12.35 23.13
C ASP B 280 -7.76 13.00 21.76
N VAL B 281 -7.96 12.15 20.76
CA VAL B 281 -8.22 12.59 19.40
C VAL B 281 -9.65 12.16 19.05
N ALA B 282 -10.45 13.10 18.52
CA ALA B 282 -11.82 12.80 18.12
C ALA B 282 -11.87 11.95 16.85
N LEU B 283 -12.88 11.09 16.76
CA LEU B 283 -13.13 10.26 15.59
C LEU B 283 -14.26 10.86 14.76
N ALA B 284 -13.94 11.22 13.52
CA ALA B 284 -14.96 11.61 12.55
C ALA B 284 -14.76 10.83 11.26
N PRO B 285 -15.28 9.58 11.21
CA PRO B 285 -15.00 8.69 10.10
C PRO B 285 -15.36 9.25 8.72
N HIS B 286 -14.46 9.04 7.77
CA HIS B 286 -14.64 9.52 6.40
C HIS B 286 -15.68 8.62 5.73
N CYS B 287 -16.74 9.20 5.15
CA CYS B 287 -17.73 8.39 4.39
C CYS B 287 -18.51 9.12 3.30
N PRO B 288 -17.87 9.33 2.13
CA PRO B 288 -18.60 9.90 1.00
C PRO B 288 -19.24 8.81 0.12
N LEU B 289 -19.61 7.69 0.74
CA LEU B 289 -19.87 6.46 0.01
C LEU B 289 -21.34 6.00 0.07
N GLY B 290 -21.57 4.72 -0.23
CA GLY B 290 -22.93 4.18 -0.24
C GLY B 290 -23.46 3.75 1.11
N PRO B 291 -24.64 3.08 1.13
CA PRO B 291 -25.31 2.85 2.39
C PRO B 291 -24.65 1.78 3.23
N ILE B 292 -23.89 0.88 2.61
CA ILE B 292 -23.22 -0.23 3.32
C ILE B 292 -22.03 0.30 4.09
N ALA B 293 -21.21 1.11 3.43
CA ALA B 293 -20.09 1.77 4.12
C ALA B 293 -20.56 2.69 5.25
N LEU B 294 -21.61 3.48 5.00
CA LEU B 294 -22.22 4.31 6.02
C LEU B 294 -22.71 3.51 7.24
N ALA B 295 -23.42 2.40 7.00
CA ALA B 295 -23.87 1.55 8.11
C ALA B 295 -22.69 1.04 8.93
N ALA B 296 -21.62 0.60 8.27
CA ALA B 296 -20.36 0.18 8.92
C ALA B 296 -19.75 1.29 9.80
N CYS B 297 -19.71 2.51 9.25
CA CYS B 297 -19.32 3.70 10.01
C CYS B 297 -20.16 3.92 11.23
N LEU B 298 -21.48 3.82 11.07
CA LEU B 298 -22.40 4.00 12.19
C LEU B 298 -22.11 3.01 13.32
N HIS B 299 -21.88 1.74 13.00
CA HIS B 299 -21.58 0.75 14.03
C HIS B 299 -20.35 1.06 14.88
N VAL B 300 -19.28 1.52 14.23
CA VAL B 300 -18.10 2.07 14.91
C VAL B 300 -18.45 3.31 15.77
N ASP B 301 -19.23 4.24 15.21
CA ASP B 301 -19.64 5.45 15.96
C ASP B 301 -20.46 5.11 17.20
N PHE B 302 -21.31 4.10 17.10
CA PHE B 302 -22.17 3.74 18.23
C PHE B 302 -21.52 2.95 19.36
N VAL B 303 -20.30 2.46 19.13
CA VAL B 303 -19.51 1.80 20.18
C VAL B 303 -18.29 2.63 20.66
N SER B 304 -17.94 3.72 19.96
CA SER B 304 -16.71 4.47 20.25
C SER B 304 -17.02 5.80 20.94
N TRP B 305 -16.71 5.91 22.21
CA TRP B 305 -17.06 7.12 22.96
C TRP B 305 -16.47 8.41 22.33
N ASN B 306 -15.27 8.31 21.76
CA ASN B 306 -14.62 9.46 21.10
C ASN B 306 -15.16 9.87 19.72
N ALA B 307 -16.11 9.12 19.15
CA ALA B 307 -16.73 9.51 17.87
C ALA B 307 -17.54 10.79 18.01
N THR B 308 -17.33 11.76 17.11
CA THR B 308 -17.92 13.09 17.30
C THR B 308 -18.89 13.53 16.20
N LEU B 309 -18.55 13.20 14.96
CA LEU B 309 -19.32 13.60 13.80
C LEU B 309 -19.18 12.50 12.77
N GLN B 310 -20.29 12.16 12.12
CA GLN B 310 -20.28 11.22 11.01
C GLN B 310 -20.64 11.91 9.71
N GLU B 311 -19.71 11.93 8.76
CA GLU B 311 -20.02 12.35 7.40
C GLU B 311 -21.01 11.39 6.71
N GLN B 312 -21.93 11.94 5.91
CA GLN B 312 -22.75 11.10 5.04
C GLN B 312 -22.96 11.79 3.69
N SER B 313 -23.22 11.00 2.66
CA SER B 313 -23.36 11.53 1.31
C SER B 313 -24.83 11.71 0.92
N MET B 314 -25.73 11.57 1.90
CA MET B 314 -27.19 11.61 1.70
C MET B 314 -27.66 12.92 1.06
N GLY B 315 -27.06 14.03 1.48
CA GLY B 315 -27.32 15.33 0.88
C GLY B 315 -26.47 15.55 -0.36
N ALA B 322 -30.41 10.71 -1.18
CA ALA B 322 -31.47 10.01 -1.91
C ALA B 322 -30.88 8.91 -2.77
N GLU B 323 -29.72 9.19 -3.35
CA GLU B 323 -29.00 8.23 -4.21
C GLU B 323 -28.38 7.10 -3.39
N LEU B 324 -27.95 7.43 -2.17
CA LEU B 324 -27.49 6.45 -1.19
C LEU B 324 -28.61 5.46 -0.85
N LEU B 325 -29.82 5.98 -0.67
CA LEU B 325 -30.98 5.18 -0.26
C LEU B 325 -31.59 4.34 -1.39
N ASP B 326 -31.15 4.57 -2.63
CA ASP B 326 -31.63 3.85 -3.81
C ASP B 326 -31.46 2.33 -3.75
N TYR B 327 -30.41 1.88 -3.05
CA TYR B 327 -30.07 0.47 -3.00
C TYR B 327 -30.57 -0.19 -1.72
N VAL B 328 -31.19 0.63 -0.88
CA VAL B 328 -31.70 0.20 0.42
C VAL B 328 -33.24 0.22 0.42
N ARG B 329 -33.84 -0.85 0.93
CA ARG B 329 -35.29 -0.96 1.01
CA ARG B 329 -35.29 -0.93 0.99
C ARG B 329 -35.79 -0.40 2.34
N ASN B 330 -34.95 -0.44 3.37
CA ASN B 330 -35.30 0.04 4.71
C ASN B 330 -34.83 1.48 4.90
N LYS B 331 -35.36 2.37 4.06
CA LYS B 331 -34.88 3.76 3.99
C LYS B 331 -35.08 4.55 5.30
N ALA B 332 -36.17 4.25 6.01
CA ALA B 332 -36.54 4.93 7.27
C ALA B 332 -35.51 4.75 8.40
N ASP B 333 -34.71 3.69 8.33
CA ASP B 333 -33.67 3.41 9.35
C ASP B 333 -32.51 4.40 9.27
N PHE B 334 -32.47 5.15 8.18
CA PHE B 334 -31.42 6.14 7.93
C PHE B 334 -31.93 7.59 7.89
N ALA B 335 -33.18 7.78 8.31
CA ALA B 335 -33.80 9.10 8.38
C ALA B 335 -33.07 9.99 9.39
N LEU B 336 -33.07 11.29 9.12
CA LEU B 336 -32.33 12.24 9.94
C LEU B 336 -33.26 13.22 10.67
N GLU B 337 -32.99 13.43 11.95
CA GLU B 337 -33.78 14.36 12.72
C GLU B 337 -32.83 15.28 13.46
N GLY B 338 -32.87 16.56 13.10
CA GLY B 338 -31.92 17.56 13.60
C GLY B 338 -30.47 17.28 13.22
N GLY B 339 -30.28 16.52 12.15
CA GLY B 339 -28.97 16.08 11.69
C GLY B 339 -28.43 14.85 12.39
N TYR B 340 -29.22 14.28 13.29
CA TYR B 340 -28.84 13.09 14.06
C TYR B 340 -29.41 11.84 13.39
N ILE B 341 -28.68 10.74 13.46
CA ILE B 341 -29.14 9.48 12.91
C ILE B 341 -29.31 8.49 14.06
N ARG B 342 -30.25 7.55 13.94
CA ARG B 342 -30.44 6.56 15.01
C ARG B 342 -29.50 5.36 14.77
N PRO B 343 -29.32 4.50 15.80
CA PRO B 343 -28.59 3.27 15.53
C PRO B 343 -29.32 2.39 14.51
N PRO B 344 -28.58 1.68 13.62
CA PRO B 344 -29.20 0.69 12.75
C PRO B 344 -30.00 -0.38 13.50
N ARG B 345 -31.12 -0.79 12.92
CA ARG B 345 -32.15 -1.57 13.61
C ARG B 345 -32.13 -3.08 13.28
N LEU B 346 -31.95 -3.40 12.01
CA LEU B 346 -32.00 -4.80 11.54
C LEU B 346 -30.72 -5.56 11.91
N PRO B 347 -30.76 -6.91 11.89
CA PRO B 347 -29.51 -7.64 12.20
C PRO B 347 -28.36 -7.41 11.19
N GLY B 348 -27.13 -7.56 11.65
CA GLY B 348 -25.94 -7.29 10.82
C GLY B 348 -25.67 -5.79 10.71
N LEU B 349 -25.27 -5.35 9.52
CA LEU B 349 -24.98 -3.94 9.29
C LEU B 349 -26.25 -3.09 9.36
N GLY B 350 -27.40 -3.73 9.13
CA GLY B 350 -28.71 -3.08 9.20
C GLY B 350 -29.17 -2.46 7.90
N VAL B 351 -28.78 -3.08 6.80
CA VAL B 351 -29.17 -2.62 5.48
C VAL B 351 -29.90 -3.76 4.79
N ASP B 352 -31.08 -3.46 4.29
CA ASP B 352 -31.84 -4.40 3.46
C ASP B 352 -31.57 -4.03 2.00
N ILE B 353 -30.64 -4.76 1.39
CA ILE B 353 -30.12 -4.37 0.09
C ILE B 353 -31.09 -4.84 -0.98
N ASP B 354 -31.52 -3.90 -1.81
CA ASP B 354 -32.31 -4.20 -2.99
C ASP B 354 -31.40 -4.91 -3.98
N GLU B 355 -31.23 -6.22 -3.81
CA GLU B 355 -30.25 -7.00 -4.59
C GLU B 355 -30.60 -7.04 -6.09
N ALA B 356 -31.89 -7.12 -6.39
CA ALA B 356 -32.33 -7.14 -7.78
C ALA B 356 -32.09 -5.80 -8.48
N LEU B 357 -32.23 -4.69 -7.75
CA LEU B 357 -31.83 -3.37 -8.24
C LEU B 357 -30.33 -3.29 -8.46
N VAL B 358 -29.56 -3.86 -7.53
CA VAL B 358 -28.08 -3.95 -7.65
C VAL B 358 -27.65 -4.70 -8.92
N ILE B 359 -28.12 -5.93 -9.09
CA ILE B 359 -27.86 -6.74 -10.29
C ILE B 359 -28.23 -6.01 -11.58
N GLU B 360 -29.34 -5.28 -11.54
CA GLU B 360 -29.84 -4.49 -12.67
C GLU B 360 -28.88 -3.37 -13.06
N ARG B 361 -28.64 -2.44 -12.12
CA ARG B 361 -27.75 -1.31 -12.36
C ARG B 361 -26.27 -1.70 -12.58
N SER B 362 -25.88 -2.93 -12.20
CA SER B 362 -24.51 -3.41 -12.39
CA SER B 362 -24.51 -3.41 -12.38
C SER B 362 -24.20 -3.76 -13.84
N LYS B 363 -25.20 -4.28 -14.54
CA LYS B 363 -25.07 -4.66 -15.95
C LYS B 363 -24.82 -3.47 -16.89
N GLU B 364 -25.20 -2.27 -16.45
CA GLU B 364 -25.14 -1.06 -17.26
C GLU B 364 -24.11 -0.03 -16.76
N ALA B 365 -23.06 -0.50 -16.08
CA ALA B 365 -22.03 0.38 -15.55
C ALA B 365 -20.80 0.49 -16.47
N PRO B 366 -20.52 1.72 -16.98
CA PRO B 366 -19.35 1.95 -17.82
C PRO B 366 -18.23 2.76 -17.14
N ASP B 367 -17.11 2.96 -17.86
CA ASP B 367 -16.02 3.83 -17.42
C ASP B 367 -15.37 4.55 -18.60
N PRO B 371 -9.17 10.02 -15.64
CA PRO B 371 -8.71 11.36 -15.96
C PRO B 371 -7.39 11.72 -15.26
N VAL B 372 -6.74 12.77 -15.74
CA VAL B 372 -5.46 13.22 -15.21
C VAL B 372 -5.36 14.75 -15.31
N TRP B 373 -5.12 15.40 -14.17
CA TRP B 373 -4.97 16.86 -14.17
C TRP B 373 -3.52 17.32 -14.20
N ARG B 374 -3.26 18.38 -14.96
CA ARG B 374 -1.91 18.92 -15.14
C ARG B 374 -1.85 20.42 -14.84
N HIS B 375 -0.73 20.86 -14.26
CA HIS B 375 -0.44 22.27 -14.09
C HIS B 375 -0.22 22.92 -15.44
N ALA B 376 -0.14 24.25 -15.46
CA ALA B 376 0.08 25.02 -16.68
C ALA B 376 1.37 24.59 -17.37
N ASP B 377 2.34 24.14 -16.58
CA ASP B 377 3.63 23.77 -17.14
C ASP B 377 3.68 22.37 -17.71
N GLY B 378 2.56 21.64 -17.60
CA GLY B 378 2.43 20.27 -18.12
C GLY B 378 2.76 19.14 -17.14
N SER B 379 3.21 19.49 -15.94
CA SER B 379 3.52 18.46 -14.95
C SER B 379 2.25 17.93 -14.29
N VAL B 380 2.26 16.67 -13.88
CA VAL B 380 1.05 16.13 -13.23
C VAL B 380 0.79 16.76 -11.88
N ALA B 381 -0.50 17.00 -11.62
CA ALA B 381 -0.97 17.40 -10.29
C ALA B 381 -1.33 16.16 -9.50
N GLU B 382 -1.01 16.19 -8.21
CA GLU B 382 -1.39 15.14 -7.28
C GLU B 382 -2.92 14.95 -7.26
N TRP B 383 -3.35 13.69 -7.20
CA TRP B 383 -4.76 13.30 -7.30
C TRP B 383 -5.66 13.97 -6.28
N ALA B 384 -6.78 14.49 -6.78
CA ALA B 384 -7.88 15.02 -5.97
C ALA B 384 -9.22 14.64 -6.63
N GLU B 385 -10.31 14.77 -5.88
CA GLU B 385 -11.63 14.31 -6.31
C GLU B 385 -12.70 15.40 -6.15
#